data_3VCM
#
_entry.id   3VCM
#
_cell.length_a   104.420
_cell.length_b   104.420
_cell.length_c   237.120
_cell.angle_alpha   90.00
_cell.angle_beta   90.00
_cell.angle_gamma   90.00
#
_symmetry.space_group_name_H-M   'P 43 2 2'
#
loop_
_entity.id
_entity.type
_entity.pdbx_description
1 polymer prorenin
2 polymer prorenin
3 non-polymer 2-acetamido-2-deoxy-beta-D-glucopyranose
4 water water
#
loop_
_entity_poly.entity_id
_entity_poly.type
_entity_poly.pdbx_seq_one_letter_code
_entity_poly.pdbx_strand_id
1 'polypeptide(L)'
;LTLGNTTSSVILTNYMDTQYYGEIGIGTPPQTFKVVFDTGSSNVWVPSSKCSRLYTACVYHKLFDASDSSSYKHNGTELT
LRYSTGTVSGFLSQDIITVGGITVTQMFGEVTEMPALPFMLAEFDGVVGMGFIEQAIGRVTPIFDNIISQGVLKEDVFSF
YYNRDSLGGQIVLGGSDPQHYEGNFHYINLIKTGVWQIQMKGVSVGSSTLLCEDGCLALVDTGASYISGSTSSIEKLMEA
LGAKKRLFDYVVKCNEGPTLPDISFHLGGKEYTLTSADYVFQESYSSKKLCTLAIHAMDIPPPTGPTWALGATFIRKFYT
EFDRRNNRIGFALAR
;
A,B
2 'polypeptide(L)' LPTDTTTFKRIFLKRMPSIRESLKERGVDMARLGPEWSQPMKR P,Q
#
loop_
_chem_comp.id
_chem_comp.type
_chem_comp.name
_chem_comp.formula
NAG D-saccharide, beta linking 2-acetamido-2-deoxy-beta-D-glucopyranose 'C8 H15 N O6'
#
# COMPACT_ATOMS: atom_id res chain seq x y z
N LEU A 1 -4.83 -4.81 -22.22
CA LEU A 1 -3.77 -4.13 -22.96
C LEU A 1 -4.24 -3.64 -24.33
N THR A 2 -3.62 -2.57 -24.85
CA THR A 2 -3.93 -2.04 -26.20
C THR A 2 -3.02 -2.74 -27.20
N LEU A 3 -3.61 -3.18 -28.35
CA LEU A 3 -2.95 -3.80 -29.52
C LEU A 3 -3.95 -4.39 -30.54
N GLY A 4 -5.12 -3.76 -30.61
CA GLY A 4 -6.23 -4.08 -31.52
C GLY A 4 -6.12 -5.41 -32.24
N ASN A 5 -5.44 -5.39 -33.40
CA ASN A 5 -5.19 -6.53 -34.28
C ASN A 5 -5.64 -7.94 -33.82
N THR A 6 -4.94 -8.55 -32.85
CA THR A 6 -5.20 -9.93 -32.40
C THR A 6 -6.06 -10.16 -31.15
N THR A 7 -6.59 -11.41 -31.03
CA THR A 7 -7.40 -11.92 -29.93
C THR A 7 -6.62 -11.99 -28.60
N SER A 8 -5.30 -12.26 -28.68
CA SER A 8 -4.41 -12.32 -27.52
C SER A 8 -3.67 -10.99 -27.29
N SER A 9 -4.22 -9.87 -27.85
CA SER A 9 -3.66 -8.52 -27.75
C SER A 9 -4.61 -7.52 -27.12
N VAL A 10 -5.91 -7.86 -27.07
CA VAL A 10 -6.96 -7.02 -26.49
C VAL A 10 -7.50 -7.77 -25.27
N ILE A 11 -6.83 -7.59 -24.13
CA ILE A 11 -7.21 -8.25 -22.88
C ILE A 11 -7.53 -7.23 -21.79
N LEU A 12 -8.70 -7.38 -21.13
CA LEU A 12 -9.11 -6.54 -20.03
C LEU A 12 -8.22 -6.95 -18.85
N THR A 13 -7.23 -6.12 -18.53
CA THR A 13 -6.28 -6.36 -17.44
C THR A 13 -6.52 -5.32 -16.34
N ASN A 14 -7.80 -5.17 -15.91
CA ASN A 14 -8.23 -4.17 -14.92
C ASN A 14 -7.41 -4.03 -13.63
N TYR A 15 -7.78 -4.75 -12.57
CA TYR A 15 -7.08 -4.72 -11.26
C TYR A 15 -7.12 -3.40 -10.46
N MET A 16 -7.74 -2.33 -11.01
CA MET A 16 -7.94 -1.04 -10.35
C MET A 16 -8.78 -1.28 -9.10
N ASP A 17 -9.81 -2.11 -9.27
CA ASP A 17 -10.73 -2.55 -8.24
C ASP A 17 -10.66 -4.05 -8.28
N THR A 18 -9.96 -4.63 -7.29
CA THR A 18 -9.77 -6.07 -7.11
C THR A 18 -9.45 -6.23 -5.63
N GLN A 19 -10.40 -6.80 -4.89
CA GLN A 19 -10.26 -6.98 -3.45
C GLN A 19 -9.82 -8.39 -3.05
N TYR A 20 -9.66 -9.31 -4.03
CA TYR A 20 -9.32 -10.70 -3.73
C TYR A 20 -8.14 -11.29 -4.48
N TYR A 21 -7.22 -11.91 -3.71
CA TYR A 21 -6.04 -12.58 -4.23
C TYR A 21 -6.03 -14.07 -3.82
N GLY A 22 -5.25 -14.85 -4.55
CA GLY A 22 -5.00 -16.25 -4.28
C GLY A 22 -3.51 -16.49 -4.17
N GLU A 23 -3.09 -17.68 -3.74
CA GLU A 23 -1.67 -17.97 -3.60
C GLU A 23 -1.19 -19.17 -4.39
N ILE A 24 -0.02 -19.02 -5.05
CA ILE A 24 0.64 -20.03 -5.87
C ILE A 24 2.06 -20.27 -5.37
N GLY A 25 2.61 -21.45 -5.66
CA GLY A 25 3.98 -21.80 -5.29
C GLY A 25 4.77 -22.22 -6.50
N ILE A 26 5.79 -21.44 -6.87
CA ILE A 26 6.63 -21.71 -8.04
C ILE A 26 8.03 -22.19 -7.66
N GLY A 27 8.46 -23.32 -8.22
CA GLY A 27 9.80 -23.87 -8.02
C GLY A 27 9.98 -24.92 -6.94
N THR A 28 11.23 -25.36 -6.77
CA THR A 28 11.67 -26.35 -5.77
C THR A 28 12.91 -25.81 -5.01
N PRO A 29 12.75 -25.33 -3.76
CA PRO A 29 11.52 -25.26 -2.95
C PRO A 29 10.51 -24.23 -3.47
N PRO A 30 9.20 -24.33 -3.13
CA PRO A 30 8.23 -23.35 -3.67
C PRO A 30 8.48 -21.92 -3.22
N GLN A 31 8.28 -20.97 -4.15
CA GLN A 31 8.39 -19.54 -3.91
C GLN A 31 6.97 -19.01 -4.04
N THR A 32 6.37 -18.56 -2.92
CA THR A 32 4.98 -18.10 -2.93
C THR A 32 4.76 -16.69 -3.44
N PHE A 33 3.56 -16.46 -4.01
CA PHE A 33 3.13 -15.18 -4.58
C PHE A 33 1.65 -14.99 -4.36
N LYS A 34 1.24 -13.72 -4.20
CA LYS A 34 -0.16 -13.32 -4.11
C LYS A 34 -0.50 -13.04 -5.57
N VAL A 35 -1.50 -13.74 -6.11
CA VAL A 35 -1.88 -13.58 -7.52
C VAL A 35 -3.36 -13.32 -7.71
N VAL A 36 -3.69 -12.55 -8.74
CA VAL A 36 -5.07 -12.25 -9.12
C VAL A 36 -5.50 -13.32 -10.12
N PHE A 37 -6.61 -14.01 -9.83
CA PHE A 37 -7.15 -15.04 -10.71
C PHE A 37 -8.15 -14.39 -11.64
N ASP A 38 -7.68 -14.13 -12.87
CA ASP A 38 -8.40 -13.40 -13.91
C ASP A 38 -8.86 -14.32 -15.02
N THR A 39 -10.18 -14.38 -15.24
CA THR A 39 -10.79 -15.18 -16.32
C THR A 39 -10.71 -14.41 -17.65
N GLY A 40 -10.18 -13.18 -17.59
CA GLY A 40 -10.01 -12.30 -18.73
C GLY A 40 -8.71 -12.51 -19.48
N SER A 41 -7.65 -12.96 -18.79
CA SER A 41 -6.34 -13.26 -19.40
C SER A 41 -6.09 -14.77 -19.38
N SER A 42 -4.97 -15.23 -20.00
CA SER A 42 -4.63 -16.65 -20.07
C SER A 42 -3.14 -16.91 -19.79
N ASN A 43 -2.43 -15.87 -19.33
CA ASN A 43 -1.01 -15.97 -19.00
C ASN A 43 -0.80 -15.92 -17.49
N VAL A 44 0.22 -16.65 -17.02
CA VAL A 44 0.65 -16.67 -15.63
C VAL A 44 1.89 -15.80 -15.59
N TRP A 45 1.88 -14.74 -14.77
CA TRP A 45 3.05 -13.89 -14.65
C TRP A 45 3.34 -13.46 -13.22
N VAL A 46 4.63 -13.39 -12.89
CA VAL A 46 5.12 -12.99 -11.57
C VAL A 46 6.34 -12.07 -11.72
N PRO A 47 6.60 -11.14 -10.77
CA PRO A 47 7.82 -10.31 -10.89
C PRO A 47 9.06 -11.19 -10.83
N SER A 48 10.05 -10.91 -11.70
CA SER A 48 11.28 -11.69 -11.76
C SER A 48 12.39 -11.05 -10.95
N SER A 49 13.32 -11.87 -10.43
CA SER A 49 14.49 -11.38 -9.69
C SER A 49 15.43 -10.63 -10.64
N LYS A 50 15.24 -10.86 -11.95
CA LYS A 50 16.00 -10.27 -13.04
C LYS A 50 15.49 -8.85 -13.44
N CYS A 51 14.42 -8.37 -12.76
CA CYS A 51 13.84 -7.03 -12.94
C CYS A 51 14.75 -6.05 -12.22
N SER A 52 15.26 -5.03 -12.95
CA SER A 52 16.16 -4.00 -12.41
C SER A 52 16.08 -2.71 -13.23
N ARG A 53 15.10 -1.83 -12.93
CA ARG A 53 14.95 -0.59 -13.68
C ARG A 53 14.59 0.65 -12.85
N LEU A 54 14.80 0.54 -11.54
CA LEU A 54 14.60 1.60 -10.53
C LEU A 54 13.18 2.23 -10.43
N TYR A 55 12.55 2.52 -11.60
CA TYR A 55 11.22 3.12 -11.70
C TYR A 55 10.17 2.06 -12.18
N THR A 56 10.41 0.76 -11.86
CA THR A 56 9.59 -0.35 -12.32
C THR A 56 8.44 -0.85 -11.47
N ALA A 57 8.64 -1.04 -10.16
CA ALA A 57 7.64 -1.58 -9.19
C ALA A 57 7.84 -3.04 -8.74
N CYS A 58 8.84 -3.74 -9.33
CA CYS A 58 9.20 -5.10 -8.94
C CYS A 58 9.71 -5.03 -7.50
N VAL A 59 10.40 -3.92 -7.18
CA VAL A 59 10.97 -3.56 -5.86
C VAL A 59 9.97 -3.73 -4.72
N TYR A 60 8.70 -3.34 -4.98
CA TYR A 60 7.60 -3.36 -4.01
C TYR A 60 6.88 -4.72 -3.94
N HIS A 61 7.47 -5.79 -4.53
CA HIS A 61 6.84 -7.11 -4.55
C HIS A 61 7.83 -8.27 -4.41
N LYS A 62 7.28 -9.50 -4.33
CA LYS A 62 8.04 -10.75 -4.24
C LYS A 62 8.54 -11.10 -5.64
N LEU A 63 9.84 -11.45 -5.74
CA LEU A 63 10.46 -11.80 -7.01
C LEU A 63 10.67 -13.30 -7.14
N PHE A 64 10.55 -13.81 -8.37
CA PHE A 64 10.87 -15.21 -8.63
C PHE A 64 12.36 -15.28 -8.95
N ASP A 65 13.12 -16.04 -8.16
CA ASP A 65 14.55 -16.24 -8.38
C ASP A 65 14.73 -17.66 -8.91
N ALA A 66 14.94 -17.77 -10.24
CA ALA A 66 15.14 -19.04 -10.94
C ALA A 66 16.33 -19.82 -10.37
N SER A 67 17.38 -19.11 -9.93
CA SER A 67 18.61 -19.68 -9.37
C SER A 67 18.37 -20.52 -8.11
N ASP A 68 17.30 -20.20 -7.35
CA ASP A 68 16.93 -20.89 -6.13
C ASP A 68 15.99 -22.09 -6.34
N SER A 69 15.68 -22.43 -7.60
CA SER A 69 14.81 -23.56 -7.94
C SER A 69 15.52 -24.63 -8.77
N SER A 70 15.55 -25.87 -8.23
CA SER A 70 16.17 -27.03 -8.86
C SER A 70 15.36 -27.53 -10.07
N SER A 71 14.03 -27.33 -10.04
CA SER A 71 13.10 -27.75 -11.10
C SER A 71 12.93 -26.74 -12.23
N TYR A 72 13.66 -25.61 -12.18
CA TYR A 72 13.60 -24.56 -13.19
C TYR A 72 14.22 -25.01 -14.53
N LYS A 73 13.51 -24.70 -15.62
CA LYS A 73 13.94 -24.94 -17.00
C LYS A 73 13.55 -23.71 -17.81
N HIS A 74 14.56 -23.03 -18.36
CA HIS A 74 14.40 -21.78 -19.11
C HIS A 74 13.86 -21.98 -20.52
N ASN A 75 13.25 -20.93 -21.08
CA ASN A 75 12.76 -20.88 -22.46
C ASN A 75 13.38 -19.62 -23.08
N GLY A 76 12.96 -18.46 -22.62
CA GLY A 76 13.52 -17.18 -23.04
C GLY A 76 12.68 -16.30 -23.94
N THR A 77 11.58 -16.85 -24.51
CA THR A 77 10.69 -16.10 -25.40
C THR A 77 10.14 -14.86 -24.72
N GLU A 78 10.28 -13.70 -25.37
CA GLU A 78 9.79 -12.42 -24.86
C GLU A 78 8.27 -12.31 -25.04
N LEU A 79 7.59 -11.78 -24.00
CA LEU A 79 6.16 -11.49 -24.00
C LEU A 79 5.96 -10.02 -23.60
N THR A 80 5.00 -9.33 -24.23
CA THR A 80 4.77 -7.91 -23.98
C THR A 80 3.28 -7.56 -23.88
N LEU A 81 2.92 -6.83 -22.83
CA LEU A 81 1.57 -6.29 -22.59
C LEU A 81 1.66 -4.77 -22.81
N ARG A 82 1.29 -4.32 -24.01
CA ARG A 82 1.37 -2.92 -24.41
C ARG A 82 0.19 -2.09 -23.93
N TYR A 83 0.48 -0.93 -23.35
CA TYR A 83 -0.51 0.06 -22.90
C TYR A 83 -0.17 1.37 -23.60
N SER A 84 -0.97 2.45 -23.42
CA SER A 84 -0.70 3.75 -24.03
C SER A 84 0.69 4.25 -23.63
N THR A 85 1.08 4.00 -22.34
CA THR A 85 2.38 4.18 -21.69
C THR A 85 2.43 3.56 -20.27
N GLY A 86 3.23 2.51 -20.08
CA GLY A 86 4.08 1.93 -21.09
C GLY A 86 3.84 0.46 -21.33
N THR A 87 4.62 -0.40 -20.65
CA THR A 87 4.55 -1.82 -20.93
C THR A 87 4.73 -2.73 -19.70
N VAL A 88 4.22 -3.98 -19.83
CA VAL A 88 4.42 -5.08 -18.88
C VAL A 88 5.12 -6.14 -19.72
N SER A 89 6.44 -6.20 -19.60
CA SER A 89 7.28 -7.08 -20.39
C SER A 89 8.08 -8.05 -19.54
N GLY A 90 8.41 -9.19 -20.15
CA GLY A 90 9.20 -10.24 -19.52
C GLY A 90 9.58 -11.33 -20.49
N PHE A 91 10.05 -12.45 -19.93
CA PHE A 91 10.48 -13.62 -20.69
C PHE A 91 9.81 -14.89 -20.15
N LEU A 92 9.69 -15.89 -21.02
CA LEU A 92 9.05 -17.17 -20.72
C LEU A 92 9.96 -18.14 -19.98
N SER A 93 9.43 -18.74 -18.91
CA SER A 93 10.12 -19.72 -18.07
C SER A 93 9.21 -20.90 -17.74
N GLN A 94 9.80 -22.05 -17.41
CA GLN A 94 9.06 -23.25 -17.01
C GLN A 94 9.53 -23.76 -15.66
N ASP A 95 8.57 -24.03 -14.75
CA ASP A 95 8.80 -24.55 -13.41
C ASP A 95 7.54 -25.22 -12.84
N ILE A 96 7.67 -25.87 -11.68
CA ILE A 96 6.58 -26.54 -10.96
C ILE A 96 5.70 -25.48 -10.24
N ILE A 97 4.41 -25.42 -10.60
CA ILE A 97 3.45 -24.48 -9.98
C ILE A 97 2.35 -25.23 -9.22
N THR A 98 2.12 -24.87 -7.94
CA THR A 98 1.08 -25.50 -7.11
C THR A 98 -0.07 -24.55 -6.76
N VAL A 99 -1.30 -24.91 -7.18
CA VAL A 99 -2.54 -24.17 -6.91
C VAL A 99 -3.52 -25.08 -6.19
N GLY A 100 -3.85 -24.72 -4.95
CA GLY A 100 -4.78 -25.46 -4.10
C GLY A 100 -4.58 -26.97 -4.06
N GLY A 101 -3.32 -27.39 -3.88
CA GLY A 101 -2.97 -28.81 -3.84
C GLY A 101 -2.51 -29.38 -5.16
N ILE A 102 -3.04 -28.85 -6.28
CA ILE A 102 -2.71 -29.31 -7.64
C ILE A 102 -1.35 -28.76 -8.06
N THR A 103 -0.42 -29.66 -8.43
CA THR A 103 0.94 -29.32 -8.88
C THR A 103 1.03 -29.59 -10.38
N VAL A 104 1.53 -28.61 -11.17
CA VAL A 104 1.66 -28.69 -12.62
C VAL A 104 3.02 -28.22 -13.16
N THR A 105 3.37 -28.66 -14.40
CA THR A 105 4.54 -28.27 -15.19
C THR A 105 3.96 -27.74 -16.48
N GLN A 106 4.69 -25.15 -15.27
CA GLN A 106 3.90 -24.27 -16.09
C GLN A 106 4.80 -23.36 -16.87
N MET A 107 4.34 -22.92 -18.05
CA MET A 107 5.04 -21.92 -18.83
C MET A 107 4.50 -20.59 -18.33
N PHE A 108 5.30 -19.90 -17.53
CA PHE A 108 4.89 -18.62 -16.95
C PHE A 108 5.82 -17.49 -17.40
N GLY A 109 5.36 -16.26 -17.21
CA GLY A 109 6.11 -15.07 -17.54
C GLY A 109 6.91 -14.54 -16.38
N GLU A 110 8.23 -14.40 -16.59
CA GLU A 110 9.13 -13.81 -15.60
C GLU A 110 9.24 -12.33 -15.98
N VAL A 111 8.43 -11.49 -15.31
CA VAL A 111 8.32 -10.07 -15.57
C VAL A 111 9.54 -9.26 -15.13
N THR A 112 10.18 -8.57 -16.10
CA THR A 112 11.36 -7.73 -15.91
C THR A 112 11.02 -6.25 -16.17
N GLU A 113 9.75 -5.96 -16.49
CA GLU A 113 9.26 -4.62 -16.76
C GLU A 113 7.81 -4.48 -16.31
N MET A 114 7.59 -3.62 -15.32
CA MET A 114 6.27 -3.28 -14.78
C MET A 114 6.12 -1.76 -14.79
N PRO A 115 4.91 -1.22 -15.11
CA PRO A 115 4.77 0.24 -15.09
C PRO A 115 4.77 0.86 -13.70
N ALA A 116 4.96 2.19 -13.70
CA ALA A 116 5.16 3.08 -12.56
C ALA A 116 4.59 2.67 -11.16
N LEU A 117 3.26 2.74 -10.80
CA LEU A 117 1.99 3.19 -11.42
C LEU A 117 1.37 2.33 -12.51
N PRO A 118 0.28 1.60 -12.19
CA PRO A 118 -0.40 1.51 -10.87
C PRO A 118 0.16 0.44 -9.93
N PHE A 119 1.12 -0.36 -10.42
CA PHE A 119 1.68 -1.51 -9.73
C PHE A 119 2.33 -1.33 -8.36
N MET A 120 2.78 -0.11 -8.01
CA MET A 120 3.36 0.11 -6.68
C MET A 120 2.29 -0.11 -5.61
N LEU A 121 1.04 0.35 -5.87
CA LEU A 121 -0.09 0.24 -4.94
C LEU A 121 -0.87 -1.08 -4.99
N ALA A 122 -0.42 -2.02 -5.85
CA ALA A 122 -1.01 -3.35 -5.97
C ALA A 122 -0.52 -4.20 -4.83
N GLU A 123 -1.43 -4.76 -4.02
CA GLU A 123 -1.06 -5.61 -2.88
C GLU A 123 -0.68 -7.02 -3.34
N PHE A 124 -1.07 -7.40 -4.57
CA PHE A 124 -0.77 -8.67 -5.22
C PHE A 124 0.55 -8.54 -6.00
N ASP A 125 1.23 -9.67 -6.20
CA ASP A 125 2.50 -9.72 -6.90
C ASP A 125 2.33 -9.88 -8.42
N GLY A 126 1.54 -10.89 -8.81
CA GLY A 126 1.31 -11.22 -10.22
C GLY A 126 -0.10 -11.62 -10.58
N VAL A 127 -0.26 -12.20 -11.77
CA VAL A 127 -1.54 -12.60 -12.35
C VAL A 127 -1.51 -14.05 -12.82
N VAL A 128 -2.62 -14.78 -12.59
CA VAL A 128 -2.84 -16.16 -13.04
C VAL A 128 -4.09 -16.14 -13.95
N GLY A 129 -3.85 -16.27 -15.24
CA GLY A 129 -4.88 -16.24 -16.28
C GLY A 129 -5.67 -17.50 -16.39
N MET A 130 -6.99 -17.40 -16.14
CA MET A 130 -7.94 -18.52 -16.16
C MET A 130 -8.65 -18.71 -17.52
N GLY A 131 -8.21 -17.96 -18.54
CA GLY A 131 -8.77 -18.04 -19.89
C GLY A 131 -8.22 -19.17 -20.72
N PHE A 132 -8.53 -19.13 -22.03
CA PHE A 132 -8.13 -20.13 -23.03
C PHE A 132 -6.88 -19.68 -23.81
N ILE A 133 -6.13 -20.64 -24.38
CA ILE A 133 -4.92 -20.45 -25.19
C ILE A 133 -5.05 -19.34 -26.27
N GLU A 134 -6.29 -19.07 -26.76
CA GLU A 134 -6.59 -18.05 -27.78
C GLU A 134 -6.29 -16.64 -27.28
N GLN A 135 -6.35 -16.42 -25.96
CA GLN A 135 -6.05 -15.13 -25.33
C GLN A 135 -4.64 -15.10 -24.71
N ALA A 136 -3.92 -16.24 -24.74
CA ALA A 136 -2.57 -16.34 -24.17
C ALA A 136 -1.54 -15.72 -25.11
N ILE A 137 -0.75 -14.75 -24.61
CA ILE A 137 0.34 -14.10 -25.34
C ILE A 137 1.42 -15.17 -25.55
N GLY A 138 1.81 -15.39 -26.80
CA GLY A 138 2.82 -16.38 -27.16
C GLY A 138 2.26 -17.79 -27.27
N ARG A 139 0.91 -17.92 -27.30
CA ARG A 139 0.17 -19.17 -27.41
C ARG A 139 0.61 -20.26 -26.41
N VAL A 140 0.92 -19.84 -25.17
CA VAL A 140 1.37 -20.77 -24.12
C VAL A 140 0.19 -21.42 -23.41
N THR A 141 0.33 -22.73 -23.10
CA THR A 141 -0.70 -23.54 -22.43
C THR A 141 -1.15 -22.87 -21.10
N PRO A 142 -2.42 -22.39 -21.00
CA PRO A 142 -2.84 -21.74 -19.74
C PRO A 142 -2.95 -22.72 -18.58
N ILE A 143 -2.83 -22.19 -17.35
CA ILE A 143 -2.88 -22.96 -16.10
C ILE A 143 -3.98 -24.04 -16.08
N PHE A 144 -5.22 -23.70 -16.47
CA PHE A 144 -6.34 -24.64 -16.44
C PHE A 144 -6.23 -25.85 -17.36
N ASP A 145 -5.70 -25.65 -18.57
CA ASP A 145 -5.47 -26.73 -19.52
C ASP A 145 -4.44 -27.71 -18.97
N ASN A 146 -3.40 -27.19 -18.29
CA ASN A 146 -2.34 -27.99 -17.66
C ASN A 146 -2.88 -28.82 -16.50
N ILE A 147 -3.78 -28.21 -15.68
CA ILE A 147 -4.47 -28.87 -14.56
C ILE A 147 -5.35 -30.01 -15.11
N ILE A 148 -6.07 -29.75 -16.23
CA ILE A 148 -6.95 -30.70 -16.92
C ILE A 148 -6.19 -31.98 -17.33
N SER A 149 -5.00 -31.82 -17.94
CA SER A 149 -4.16 -32.94 -18.39
C SER A 149 -3.57 -33.82 -17.27
N GLN A 150 -3.70 -33.37 -16.00
CA GLN A 150 -3.24 -34.14 -14.85
C GLN A 150 -4.27 -35.20 -14.45
N GLY A 151 -5.52 -35.05 -14.90
CA GLY A 151 -6.62 -35.95 -14.59
C GLY A 151 -6.93 -36.04 -13.11
N VAL A 152 -6.83 -34.90 -12.42
CA VAL A 152 -7.06 -34.78 -10.99
C VAL A 152 -8.51 -34.34 -10.73
N LEU A 153 -9.07 -33.50 -11.62
CA LEU A 153 -10.42 -32.95 -11.48
C LEU A 153 -11.55 -33.95 -11.78
N LYS A 154 -12.69 -33.77 -11.10
CA LYS A 154 -13.90 -34.58 -11.30
C LYS A 154 -14.55 -34.17 -12.64
N GLU A 155 -14.63 -32.87 -12.89
CA GLU A 155 -15.14 -32.24 -14.11
C GLU A 155 -14.11 -31.22 -14.60
N ASP A 156 -13.95 -31.06 -15.93
CA ASP A 156 -13.02 -30.07 -16.48
C ASP A 156 -13.65 -28.66 -16.44
N VAL A 157 -14.08 -28.26 -15.21
CA VAL A 157 -14.73 -26.98 -14.89
C VAL A 157 -14.16 -26.34 -13.61
N PHE A 158 -14.31 -25.01 -13.47
CA PHE A 158 -13.92 -24.26 -12.28
C PHE A 158 -14.98 -23.22 -11.99
N SER A 159 -15.31 -23.00 -10.71
CA SER A 159 -16.33 -22.02 -10.35
C SER A 159 -15.88 -21.03 -9.28
N PHE A 160 -16.28 -19.76 -9.45
CA PHE A 160 -15.92 -18.65 -8.57
C PHE A 160 -17.04 -18.30 -7.59
N TYR A 161 -16.70 -18.21 -6.31
CA TYR A 161 -17.64 -17.85 -5.25
C TYR A 161 -17.06 -16.70 -4.43
N TYR A 162 -17.85 -15.63 -4.28
CA TYR A 162 -17.47 -14.46 -3.48
C TYR A 162 -18.34 -14.43 -2.22
N ASN A 163 -17.69 -14.67 -1.07
CA ASN A 163 -18.27 -14.78 0.28
C ASN A 163 -19.29 -13.74 0.71
N ARG A 164 -20.06 -14.07 1.75
CA ARG A 164 -21.10 -13.24 2.39
C ARG A 164 -20.52 -11.90 2.85
N ASP A 165 -19.27 -11.91 3.35
CA ASP A 165 -18.51 -10.73 3.83
C ASP A 165 -16.98 -11.02 3.87
N SER A 166 -16.26 -10.38 4.84
CA SER A 166 -14.82 -10.51 5.11
C SER A 166 -14.51 -9.88 6.47
N LEU A 167 -12.59 -15.88 5.03
CA LEU A 167 -11.44 -15.37 4.30
C LEU A 167 -11.82 -14.25 3.33
N GLY A 168 -12.85 -14.49 2.51
CA GLY A 168 -13.35 -13.53 1.53
C GLY A 168 -14.00 -14.11 0.29
N GLY A 169 -13.61 -15.34 -0.07
CA GLY A 169 -14.12 -16.04 -1.24
C GLY A 169 -13.31 -17.28 -1.57
N GLN A 170 -13.66 -17.96 -2.70
CA GLN A 170 -12.96 -19.18 -3.15
C GLN A 170 -13.26 -19.64 -4.57
N ILE A 171 -12.28 -20.32 -5.21
CA ILE A 171 -12.39 -20.92 -6.54
C ILE A 171 -12.45 -22.44 -6.36
N VAL A 172 -13.57 -23.06 -6.78
CA VAL A 172 -13.79 -24.50 -6.71
C VAL A 172 -13.24 -25.13 -7.99
N LEU A 173 -12.23 -26.00 -7.87
CA LEU A 173 -11.61 -26.69 -9.00
C LEU A 173 -12.15 -28.11 -9.15
N GLY A 174 -12.72 -28.40 -10.33
CA GLY A 174 -13.26 -29.72 -10.65
C GLY A 174 -14.76 -29.88 -10.47
N GLY A 175 -15.46 -28.77 -10.26
CA GLY A 175 -16.90 -28.74 -10.06
C GLY A 175 -17.41 -27.42 -9.51
N SER A 176 -18.59 -27.47 -8.87
CA SER A 176 -19.25 -26.33 -8.24
C SER A 176 -19.98 -26.84 -6.99
N ASP A 177 -19.70 -26.20 -5.85
CA ASP A 177 -20.22 -26.58 -4.53
C ASP A 177 -21.71 -26.24 -4.35
N PRO A 178 -22.54 -27.23 -3.90
CA PRO A 178 -23.97 -26.94 -3.70
C PRO A 178 -24.29 -26.05 -2.50
N GLN A 179 -23.31 -25.83 -1.59
CA GLN A 179 -23.48 -24.98 -0.40
C GLN A 179 -23.23 -23.51 -0.71
N HIS A 180 -22.89 -23.21 -1.98
CA HIS A 180 -22.60 -21.88 -2.49
C HIS A 180 -23.79 -21.27 -3.21
N TYR A 181 -24.64 -22.11 -3.82
CA TYR A 181 -25.80 -21.64 -4.58
C TYR A 181 -27.11 -22.28 -4.15
N GLU A 182 -28.23 -21.67 -4.60
CA GLU A 182 -29.59 -22.15 -4.41
C GLU A 182 -30.31 -22.22 -5.77
N GLY A 183 -31.21 -23.18 -5.91
CA GLY A 183 -31.94 -23.40 -7.15
C GLY A 183 -31.13 -24.19 -8.15
N ASN A 184 -31.30 -23.89 -9.46
CA ASN A 184 -30.59 -24.61 -10.52
C ASN A 184 -29.71 -23.70 -11.37
N PHE A 185 -28.69 -24.30 -12.01
CA PHE A 185 -27.74 -23.59 -12.87
C PHE A 185 -28.34 -23.37 -14.25
N HIS A 186 -28.26 -22.13 -14.76
CA HIS A 186 -28.69 -21.80 -16.11
C HIS A 186 -27.42 -21.71 -16.96
N TYR A 187 -27.28 -22.62 -17.92
CA TYR A 187 -26.11 -22.73 -18.78
C TYR A 187 -26.22 -21.94 -20.09
N ILE A 188 -25.31 -20.97 -20.27
CA ILE A 188 -25.24 -20.11 -21.45
C ILE A 188 -24.00 -20.49 -22.26
N ASN A 189 -24.20 -20.85 -23.55
CA ASN A 189 -23.11 -21.22 -24.46
C ASN A 189 -22.28 -20.00 -24.81
N LEU A 190 -20.97 -20.21 -25.03
CA LEU A 190 -20.02 -19.15 -25.39
C LEU A 190 -20.27 -18.70 -26.83
N ILE A 191 -19.98 -17.42 -27.12
CA ILE A 191 -20.11 -16.82 -28.45
C ILE A 191 -19.10 -17.48 -29.38
N LYS A 192 -17.86 -17.54 -28.93
CA LYS A 192 -16.71 -18.08 -29.64
C LYS A 192 -15.85 -18.82 -28.65
N THR A 193 -15.16 -19.87 -29.13
CA THR A 193 -14.24 -20.62 -28.29
C THR A 193 -12.93 -19.80 -28.17
N GLY A 194 -12.39 -19.75 -26.97
CA GLY A 194 -11.16 -19.01 -26.71
C GLY A 194 -11.31 -17.82 -25.79
N VAL A 195 -12.56 -17.48 -25.44
CA VAL A 195 -12.86 -16.35 -24.56
C VAL A 195 -14.15 -16.58 -23.74
N TRP A 196 -14.11 -16.24 -22.42
CA TRP A 196 -15.27 -16.33 -21.52
C TRP A 196 -16.18 -15.10 -21.78
N GLN A 197 -16.83 -15.12 -22.96
CA GLN A 197 -17.70 -14.07 -23.47
C GLN A 197 -19.00 -14.72 -23.95
N ILE A 198 -20.15 -14.18 -23.50
CA ILE A 198 -21.48 -14.69 -23.83
C ILE A 198 -22.40 -13.64 -24.48
N GLN A 199 -23.46 -14.11 -25.18
CA GLN A 199 -24.45 -13.26 -25.84
C GLN A 199 -25.42 -12.67 -24.81
N MET A 200 -25.69 -11.37 -24.93
CA MET A 200 -26.62 -10.64 -24.08
C MET A 200 -27.66 -9.98 -25.00
N LYS A 201 -28.93 -10.26 -24.75
CA LYS A 201 -30.02 -9.74 -25.58
C LYS A 201 -30.57 -8.36 -25.15
N GLY A 202 -30.21 -7.89 -23.96
CA GLY A 202 -30.64 -6.59 -23.48
C GLY A 202 -30.35 -6.28 -22.02
N VAL A 203 -30.25 -4.97 -21.69
CA VAL A 203 -30.04 -4.46 -20.34
C VAL A 203 -31.22 -3.56 -19.99
N SER A 204 -31.82 -3.77 -18.81
CA SER A 204 -32.98 -3.02 -18.34
C SER A 204 -32.72 -2.19 -17.09
N VAL A 205 -33.35 -1.01 -17.02
CA VAL A 205 -33.24 -0.11 -15.86
C VAL A 205 -34.67 0.17 -15.38
N GLY A 206 -35.01 -0.39 -14.22
CA GLY A 206 -36.33 -0.24 -13.61
C GLY A 206 -37.37 -1.15 -14.22
N SER A 207 -38.48 -0.55 -14.71
CA SER A 207 -39.62 -1.26 -15.30
C SER A 207 -39.36 -2.31 -16.42
N SER A 208 -38.80 -2.04 -17.64
CA SER A 208 -38.30 -0.89 -18.45
C SER A 208 -36.92 -1.23 -19.07
N THR A 209 -36.94 -1.83 -20.28
CA THR A 209 -35.73 -2.21 -21.04
C THR A 209 -35.29 -1.01 -21.89
N LEU A 210 -34.10 -0.46 -21.60
CA LEU A 210 -33.61 0.72 -22.31
C LEU A 210 -32.52 0.45 -23.33
N LEU A 211 -31.39 -0.13 -22.90
CA LEU A 211 -30.23 -0.38 -23.78
C LEU A 211 -29.97 -1.86 -24.10
N CYS A 212 -28.94 -2.12 -24.94
CA CYS A 212 -28.50 -3.44 -25.40
C CYS A 212 -29.50 -4.22 -26.26
N GLU A 213 -30.52 -3.53 -26.81
CA GLU A 213 -31.51 -4.14 -27.70
C GLU A 213 -30.80 -4.46 -29.01
N ASP A 214 -31.27 -5.51 -29.74
CA ASP A 214 -30.68 -6.01 -30.99
C ASP A 214 -29.32 -6.72 -30.72
N GLY A 215 -29.16 -7.22 -29.50
CA GLY A 215 -27.98 -7.96 -29.06
C GLY A 215 -26.75 -7.14 -28.74
N CYS A 216 -25.82 -7.76 -27.98
CA CYS A 216 -24.53 -7.23 -27.51
C CYS A 216 -23.73 -8.33 -26.80
N LEU A 217 -22.40 -8.19 -26.73
CA LEU A 217 -21.52 -9.16 -26.08
C LEU A 217 -21.25 -8.77 -24.62
N ALA A 218 -21.06 -9.77 -23.74
CA ALA A 218 -20.77 -9.55 -22.33
C ALA A 218 -19.72 -10.53 -21.80
N LEU A 219 -18.55 -9.99 -21.40
CA LEU A 219 -17.42 -10.74 -20.84
C LEU A 219 -17.68 -11.05 -19.37
N VAL A 220 -17.07 -12.12 -18.87
CA VAL A 220 -17.14 -12.51 -17.47
C VAL A 220 -15.68 -12.47 -16.98
N ASP A 221 -15.25 -11.33 -16.42
CA ASP A 221 -13.88 -11.11 -15.94
C ASP A 221 -13.83 -11.13 -14.41
N THR A 222 -13.15 -12.14 -13.85
CA THR A 222 -12.99 -12.29 -12.39
C THR A 222 -11.97 -11.33 -11.80
N GLY A 223 -11.02 -10.87 -12.62
CA GLY A 223 -10.00 -9.90 -12.24
C GLY A 223 -10.62 -8.54 -11.99
N ALA A 224 -11.72 -8.26 -12.69
CA ALA A 224 -12.52 -7.03 -12.56
C ALA A 224 -13.40 -7.13 -11.30
N SER A 225 -13.99 -6.00 -10.88
CA SER A 225 -14.87 -5.94 -9.71
C SER A 225 -16.18 -5.23 -10.04
N TYR A 226 -16.11 -4.23 -10.95
CA TYR A 226 -17.24 -3.42 -11.38
C TYR A 226 -17.90 -3.97 -12.66
N ILE A 227 -18.97 -3.31 -13.15
CA ILE A 227 -19.66 -3.68 -14.38
C ILE A 227 -19.22 -2.70 -15.49
N SER A 228 -18.48 -3.21 -16.49
CA SER A 228 -18.00 -2.40 -17.61
C SER A 228 -19.01 -2.47 -18.76
N GLY A 229 -18.94 -1.47 -19.65
CA GLY A 229 -19.77 -1.35 -20.83
C GLY A 229 -19.55 0.00 -21.50
N SER A 230 -19.37 0.00 -22.84
CA SER A 230 -19.07 1.17 -23.69
C SER A 230 -19.65 2.51 -23.19
N THR A 231 -18.83 3.59 -23.27
CA THR A 231 -19.18 4.95 -22.82
C THR A 231 -20.61 5.32 -23.15
N SER A 232 -21.02 5.20 -24.44
CA SER A 232 -22.37 5.51 -24.93
C SER A 232 -23.48 4.77 -24.18
N SER A 233 -23.26 3.47 -23.86
CA SER A 233 -24.22 2.65 -23.12
C SER A 233 -24.27 3.07 -21.63
N ILE A 234 -23.07 3.23 -21.00
CA ILE A 234 -22.96 3.66 -19.60
C ILE A 234 -23.44 5.11 -19.38
N GLU A 235 -23.33 5.95 -20.42
CA GLU A 235 -23.78 7.35 -20.43
C GLU A 235 -25.31 7.37 -20.40
N LYS A 236 -25.94 6.42 -21.12
CA LYS A 236 -27.39 6.28 -21.20
C LYS A 236 -27.93 5.71 -19.90
N LEU A 237 -27.30 4.61 -19.41
CA LEU A 237 -27.66 3.91 -18.19
C LEU A 237 -27.55 4.80 -16.95
N MET A 238 -26.49 5.61 -16.89
CA MET A 238 -26.24 6.50 -15.76
C MET A 238 -27.14 7.74 -15.72
N GLU A 239 -27.55 8.24 -16.90
CA GLU A 239 -28.46 9.38 -17.00
C GLU A 239 -29.87 8.96 -16.59
N ALA A 240 -30.21 7.68 -16.85
CA ALA A 240 -31.46 7.05 -16.47
C ALA A 240 -31.45 6.73 -14.98
N LEU A 241 -30.25 6.49 -14.42
CA LEU A 241 -30.04 6.17 -13.01
C LEU A 241 -30.03 7.42 -12.11
N GLY A 242 -29.90 8.59 -12.73
CA GLY A 242 -29.86 9.87 -12.02
C GLY A 242 -28.53 10.15 -11.37
N ALA A 243 -27.45 9.59 -11.94
CA ALA A 243 -26.08 9.73 -11.44
C ALA A 243 -25.24 10.65 -12.32
N LYS A 244 -24.21 11.27 -11.71
CA LYS A 244 -23.29 12.18 -12.41
C LYS A 244 -21.84 11.75 -12.24
N LYS A 245 -21.03 11.97 -13.29
CA LYS A 245 -19.60 11.62 -13.37
C LYS A 245 -18.76 12.45 -12.39
N ARG A 246 -18.05 11.77 -11.48
CA ARG A 246 -17.20 12.38 -10.44
C ARG A 246 -15.73 12.11 -10.73
N LEU A 247 -14.71 11.95 -13.45
CA LEU A 247 -13.38 11.35 -13.53
C LEU A 247 -13.45 9.85 -13.85
N PHE A 248 -13.21 8.98 -12.85
CA PHE A 248 -13.18 7.54 -13.03
C PHE A 248 -14.45 6.81 -12.55
N ASP A 249 -15.25 7.44 -11.68
CA ASP A 249 -16.48 6.82 -11.16
C ASP A 249 -17.72 7.71 -11.19
N TYR A 250 -18.90 7.06 -11.11
CA TYR A 250 -20.22 7.69 -11.09
C TYR A 250 -20.80 7.68 -9.68
N VAL A 251 -21.40 8.80 -9.26
CA VAL A 251 -21.94 8.94 -7.91
C VAL A 251 -23.41 9.36 -7.82
N VAL A 252 -24.02 9.06 -6.67
CA VAL A 252 -25.38 9.44 -6.27
C VAL A 252 -25.30 9.94 -4.83
N LYS A 253 -26.31 10.69 -4.38
CA LYS A 253 -26.35 11.17 -2.99
C LYS A 253 -26.68 9.96 -2.10
N CYS A 254 -25.86 9.70 -1.07
CA CYS A 254 -25.99 8.55 -0.15
C CYS A 254 -27.39 8.26 0.43
N ASN A 255 -28.23 9.31 0.56
CA ASN A 255 -29.60 9.17 1.05
C ASN A 255 -30.50 8.52 -0.01
N GLU A 256 -30.37 8.95 -1.29
CA GLU A 256 -31.15 8.40 -2.40
C GLU A 256 -30.58 7.08 -2.96
N GLY A 257 -29.50 6.60 -2.35
CA GLY A 257 -28.83 5.35 -2.70
C GLY A 257 -29.77 4.15 -2.80
N PRO A 258 -30.40 3.68 -1.69
CA PRO A 258 -31.29 2.52 -1.79
C PRO A 258 -32.60 2.75 -2.55
N THR A 259 -32.96 4.01 -2.82
CA THR A 259 -34.20 4.38 -3.53
C THR A 259 -34.10 4.13 -5.05
N LEU A 260 -32.87 3.92 -5.55
CA LEU A 260 -32.50 3.70 -6.95
C LEU A 260 -33.17 2.47 -7.61
N PRO A 261 -33.31 2.41 -8.96
CA PRO A 261 -33.97 1.26 -9.59
C PRO A 261 -33.12 -0.02 -9.64
N ASP A 262 -33.55 -1.01 -10.45
CA ASP A 262 -32.89 -2.30 -10.60
C ASP A 262 -32.33 -2.47 -12.01
N ILE A 263 -31.08 -2.97 -12.11
CA ILE A 263 -30.44 -3.23 -13.40
C ILE A 263 -30.65 -4.71 -13.73
N SER A 264 -31.13 -5.01 -14.95
CA SER A 264 -31.38 -6.41 -15.36
C SER A 264 -30.65 -6.78 -16.64
N PHE A 265 -29.87 -7.88 -16.58
CA PHE A 265 -29.08 -8.36 -17.72
C PHE A 265 -29.73 -9.61 -18.33
N HIS A 266 -30.27 -9.47 -19.55
CA HIS A 266 -30.91 -10.57 -20.27
C HIS A 266 -29.86 -11.47 -20.89
N LEU A 267 -29.53 -12.56 -20.18
CA LEU A 267 -28.52 -13.53 -20.60
C LEU A 267 -29.17 -14.90 -20.74
N GLY A 268 -29.01 -15.51 -21.93
CA GLY A 268 -29.54 -16.83 -22.26
C GLY A 268 -31.03 -17.03 -22.11
N GLY A 269 -31.79 -15.94 -22.20
CA GLY A 269 -33.24 -15.93 -22.07
C GLY A 269 -33.75 -15.79 -20.65
N LYS A 270 -32.84 -15.61 -19.67
CA LYS A 270 -33.22 -15.47 -18.27
C LYS A 270 -33.00 -14.04 -17.73
N GLU A 271 -33.71 -13.70 -16.64
CA GLU A 271 -33.69 -12.39 -16.01
C GLU A 271 -32.65 -12.31 -14.89
N TYR A 272 -31.51 -11.64 -15.15
CA TYR A 272 -30.45 -11.47 -14.17
C TYR A 272 -30.48 -10.07 -13.59
N THR A 273 -31.35 -9.91 -12.57
CA THR A 273 -31.59 -8.64 -11.89
C THR A 273 -30.52 -8.32 -10.83
N LEU A 274 -30.21 -7.03 -10.69
CA LEU A 274 -29.23 -6.48 -9.78
C LEU A 274 -29.85 -5.25 -9.10
N THR A 275 -30.20 -5.40 -7.82
CA THR A 275 -30.85 -4.34 -7.02
C THR A 275 -29.84 -3.30 -6.54
N SER A 276 -30.35 -2.12 -6.08
CA SER A 276 -29.58 -0.99 -5.56
C SER A 276 -28.52 -1.41 -4.54
N ALA A 277 -28.86 -2.33 -3.63
CA ALA A 277 -27.95 -2.85 -2.59
C ALA A 277 -26.73 -3.58 -3.19
N ASP A 278 -26.89 -4.18 -4.40
CA ASP A 278 -25.83 -4.93 -5.08
C ASP A 278 -24.79 -4.03 -5.76
N TYR A 279 -25.24 -2.98 -6.48
CA TYR A 279 -24.34 -2.10 -7.23
C TYR A 279 -23.93 -0.76 -6.57
N VAL A 280 -24.40 -0.48 -5.34
CA VAL A 280 -24.07 0.77 -4.64
C VAL A 280 -23.33 0.50 -3.32
N PHE A 281 -22.22 1.23 -3.06
CA PHE A 281 -21.46 1.14 -1.82
C PHE A 281 -22.11 2.09 -0.82
N GLN A 282 -22.89 1.52 0.12
CA GLN A 282 -23.62 2.29 1.12
C GLN A 282 -22.87 2.44 2.45
N GLU A 283 -21.72 3.15 2.40
CA GLU A 283 -20.89 3.45 3.57
C GLU A 283 -21.52 4.57 4.39
N SER A 284 -22.26 5.47 3.70
CA SER A 284 -22.95 6.61 4.30
C SER A 284 -24.44 6.63 3.88
N TYR A 285 -25.23 7.47 4.57
CA TYR A 285 -26.66 7.66 4.31
C TYR A 285 -27.01 9.16 4.33
N SER A 286 -26.00 10.02 4.55
CA SER A 286 -26.11 11.47 4.60
C SER A 286 -26.36 12.06 3.21
N SER A 287 -27.23 13.09 3.14
CA SER A 287 -27.56 13.78 1.88
C SER A 287 -26.42 14.69 1.38
N LYS A 288 -25.36 14.89 2.19
CA LYS A 288 -24.17 15.67 1.85
C LYS A 288 -23.07 14.78 1.25
N LYS A 289 -22.79 13.61 1.87
CA LYS A 289 -21.77 12.65 1.42
C LYS A 289 -22.19 11.94 0.13
N LEU A 290 -21.19 11.60 -0.72
CA LEU A 290 -21.41 10.94 -2.01
C LEU A 290 -21.05 9.45 -1.97
N CYS A 291 -21.90 8.62 -2.58
CA CYS A 291 -21.73 7.16 -2.64
C CYS A 291 -21.43 6.71 -4.08
N THR A 292 -20.42 5.84 -4.23
CA THR A 292 -19.97 5.32 -5.52
C THR A 292 -20.82 4.14 -5.98
N LEU A 293 -21.31 4.17 -7.23
CA LEU A 293 -22.07 3.06 -7.80
C LEU A 293 -21.06 2.10 -8.39
N ALA A 294 -20.72 2.37 -9.66
CA ALA A 294 -19.74 1.67 -10.49
C ALA A 294 -19.90 0.14 -10.63
N ILE A 295 -20.23 -0.38 -11.83
CA ILE A 295 -20.60 0.27 -13.11
C ILE A 295 -19.84 1.52 -13.62
N HIS A 296 -18.81 1.31 -14.45
CA HIS A 296 -18.04 2.39 -15.08
C HIS A 296 -18.00 2.17 -16.60
N ALA A 297 -17.41 3.12 -17.36
CA ALA A 297 -17.37 3.07 -18.82
C ALA A 297 -16.59 1.89 -19.44
N MET A 298 -15.28 2.04 -19.71
CA MET A 298 -14.42 1.01 -20.32
C MET A 298 -14.80 0.63 -21.76
N ASP A 299 -14.09 1.20 -22.75
CA ASP A 299 -14.30 0.94 -24.18
C ASP A 299 -13.28 -0.08 -24.71
N ILE A 300 -13.76 -1.31 -24.99
CA ILE A 300 -12.92 -2.40 -25.50
C ILE A 300 -13.00 -2.46 -27.03
N PRO A 301 -11.86 -2.37 -27.76
CA PRO A 301 -11.90 -2.42 -29.23
C PRO A 301 -11.97 -3.85 -29.79
N PRO A 302 -12.26 -4.06 -31.11
CA PRO A 302 -12.27 -5.42 -31.65
C PRO A 302 -10.89 -6.11 -31.65
N PRO A 303 -10.78 -7.45 -31.70
CA PRO A 303 -11.83 -8.47 -31.79
C PRO A 303 -12.64 -8.70 -30.51
N THR A 304 -12.02 -8.43 -29.35
CA THR A 304 -12.64 -8.62 -28.04
C THR A 304 -13.92 -7.77 -27.87
N GLY A 305 -13.87 -6.51 -28.28
CA GLY A 305 -15.00 -5.59 -28.15
C GLY A 305 -15.69 -5.15 -29.42
N PRO A 306 -16.71 -4.25 -29.36
CA PRO A 306 -17.29 -3.61 -28.17
C PRO A 306 -18.06 -4.61 -27.32
N THR A 307 -17.83 -4.59 -26.00
CA THR A 307 -18.42 -5.54 -25.06
C THR A 307 -18.63 -5.00 -23.66
N TRP A 308 -19.58 -5.63 -22.94
CA TRP A 308 -19.86 -5.37 -21.53
C TRP A 308 -18.94 -6.30 -20.75
N ALA A 309 -18.73 -6.05 -19.45
CA ALA A 309 -17.90 -6.94 -18.63
C ALA A 309 -18.47 -7.06 -17.24
N LEU A 310 -18.86 -8.30 -16.89
CA LEU A 310 -19.46 -8.63 -15.61
C LEU A 310 -18.39 -9.13 -14.65
N GLY A 311 -18.09 -8.30 -13.66
CA GLY A 311 -17.04 -8.55 -12.68
C GLY A 311 -17.44 -9.27 -11.41
N ALA A 312 -16.62 -9.10 -10.36
CA ALA A 312 -16.79 -9.72 -9.05
C ALA A 312 -18.12 -9.39 -8.37
N THR A 313 -18.73 -8.22 -8.66
CA THR A 313 -20.02 -7.83 -8.08
C THR A 313 -21.18 -8.64 -8.66
N PHE A 314 -21.06 -9.08 -9.93
CA PHE A 314 -22.09 -9.90 -10.58
C PHE A 314 -21.99 -11.33 -10.03
N ILE A 315 -20.76 -11.85 -9.92
CA ILE A 315 -20.45 -13.19 -9.41
C ILE A 315 -20.78 -13.29 -7.90
N ARG A 316 -20.75 -12.14 -7.18
CA ARG A 316 -21.08 -12.05 -5.75
C ARG A 316 -22.52 -12.51 -5.51
N LYS A 317 -23.44 -12.11 -6.42
CA LYS A 317 -24.86 -12.47 -6.39
C LYS A 317 -25.13 -13.73 -7.22
N PHE A 318 -24.36 -13.95 -8.30
CA PHE A 318 -24.55 -15.09 -9.20
C PHE A 318 -23.34 -16.02 -9.30
N TYR A 319 -23.41 -17.14 -8.56
CA TYR A 319 -22.39 -18.19 -8.52
C TYR A 319 -22.15 -18.67 -9.96
N THR A 320 -20.97 -18.36 -10.49
CA THR A 320 -20.58 -18.66 -11.86
C THR A 320 -19.68 -19.88 -11.96
N GLU A 321 -20.08 -20.84 -12.83
CA GLU A 321 -19.33 -22.05 -13.15
C GLU A 321 -18.77 -21.87 -14.56
N PHE A 322 -17.46 -22.09 -14.73
CA PHE A 322 -16.80 -21.94 -16.02
C PHE A 322 -16.48 -23.33 -16.57
N ASP A 323 -17.27 -23.79 -17.55
CA ASP A 323 -17.12 -25.11 -18.16
C ASP A 323 -16.22 -25.06 -19.39
N ARG A 324 -14.95 -25.49 -19.22
CA ARG A 324 -13.98 -25.52 -20.32
C ARG A 324 -14.27 -26.67 -21.28
N ARG A 325 -14.78 -27.80 -20.75
CA ARG A 325 -15.13 -29.01 -21.51
C ARG A 325 -16.28 -28.76 -22.49
N ASN A 326 -17.40 -28.23 -21.98
CA ASN A 326 -18.61 -27.98 -22.77
C ASN A 326 -18.71 -26.56 -23.35
N ASN A 327 -17.65 -25.74 -23.17
CA ASN A 327 -17.55 -24.35 -23.66
C ASN A 327 -18.81 -23.53 -23.34
N ARG A 328 -19.12 -23.41 -22.03
CA ARG A 328 -20.29 -22.69 -21.54
C ARG A 328 -20.06 -22.05 -20.14
N ILE A 329 -20.91 -21.07 -19.78
CA ILE A 329 -20.88 -20.38 -18.50
C ILE A 329 -22.25 -20.62 -17.83
N GLY A 330 -22.22 -21.18 -16.62
CA GLY A 330 -23.42 -21.48 -15.86
C GLY A 330 -23.61 -20.55 -14.69
N PHE A 331 -24.81 -19.94 -14.59
CA PHE A 331 -25.14 -19.04 -13.49
C PHE A 331 -26.19 -19.62 -12.59
N ALA A 332 -25.98 -19.45 -11.28
CA ALA A 332 -26.89 -19.88 -10.20
C ALA A 332 -26.92 -18.81 -9.14
N LEU A 333 -28.07 -18.63 -8.46
CA LEU A 333 -28.20 -17.62 -7.40
C LEU A 333 -27.38 -18.00 -6.17
N ALA A 334 -26.34 -17.20 -5.90
CA ALA A 334 -25.42 -17.41 -4.78
C ALA A 334 -26.10 -17.22 -3.41
N ARG A 335 -25.54 -17.90 -2.38
CA ARG A 335 -25.98 -17.87 -0.98
C ARG A 335 -24.86 -18.29 -0.01
N VAL B 10 28.38 12.69 3.95
CA VAL B 10 27.38 13.07 4.95
C VAL B 10 26.08 12.23 4.89
N ILE B 11 26.05 11.12 5.66
CA ILE B 11 24.89 10.22 5.77
C ILE B 11 23.80 10.80 6.74
N LEU B 12 22.66 10.08 6.94
CA LEU B 12 21.56 10.53 7.80
C LEU B 12 21.09 9.44 8.79
N THR B 13 19.76 9.29 8.95
CA THR B 13 19.09 8.27 9.77
C THR B 13 18.21 7.40 8.85
N ASN B 14 17.09 6.85 9.36
CA ASN B 14 16.27 5.93 8.58
C ASN B 14 14.76 6.05 8.79
N TYR B 15 13.96 5.94 7.70
CA TYR B 15 12.50 6.05 7.77
C TYR B 15 11.74 4.74 7.46
N MET B 16 12.30 3.59 7.85
CA MET B 16 11.68 2.27 7.64
C MET B 16 10.64 1.98 8.72
N ASP B 17 10.83 2.58 9.90
CA ASP B 17 9.95 2.40 11.06
C ASP B 17 9.26 3.71 11.48
N THR B 18 8.77 4.46 10.49
CA THR B 18 8.07 5.72 10.71
C THR B 18 6.57 5.50 10.58
N GLN B 19 5.84 5.69 11.69
CA GLN B 19 4.41 5.45 11.76
C GLN B 19 3.57 6.72 11.87
N TYR B 20 4.20 7.89 12.09
CA TYR B 20 3.48 9.15 12.24
C TYR B 20 3.98 10.24 11.32
N TYR B 21 3.03 10.99 10.71
CA TYR B 21 3.32 12.10 9.81
C TYR B 21 2.49 13.32 10.19
N GLY B 22 2.99 14.50 9.81
CA GLY B 22 2.34 15.78 10.01
C GLY B 22 2.01 16.44 8.68
N GLU B 23 1.35 17.60 8.73
CA GLU B 23 0.94 18.34 7.55
C GLU B 23 1.59 19.71 7.49
N ILE B 24 2.14 20.07 6.32
CA ILE B 24 2.74 21.39 6.08
C ILE B 24 2.17 22.01 4.80
N GLY B 25 2.22 23.34 4.75
CA GLY B 25 1.80 24.09 3.58
C GLY B 25 2.97 24.88 3.02
N ILE B 26 3.16 24.88 1.70
CA ILE B 26 4.25 25.66 1.10
C ILE B 26 3.73 26.58 0.00
N GLY B 27 4.07 27.86 0.10
CA GLY B 27 3.72 28.89 -0.87
C GLY B 27 2.44 29.65 -0.61
N THR B 28 2.12 30.56 -1.54
CA THR B 28 0.92 31.40 -1.50
C THR B 28 0.12 31.12 -2.80
N PRO B 29 -1.00 30.39 -2.73
CA PRO B 29 -1.63 29.79 -1.54
C PRO B 29 -0.90 28.53 -1.08
N PRO B 30 -1.08 28.07 0.19
CA PRO B 30 -0.35 26.88 0.63
C PRO B 30 -0.70 25.62 -0.13
N GLN B 31 0.34 24.82 -0.44
CA GLN B 31 0.25 23.51 -1.09
C GLN B 31 0.53 22.50 0.02
N THR B 32 -0.38 21.56 0.25
CA THR B 32 -0.29 20.59 1.34
C THR B 32 0.70 19.44 1.09
N PHE B 33 1.48 19.08 2.13
CA PHE B 33 2.44 17.98 2.11
C PHE B 33 2.42 17.21 3.41
N LYS B 34 2.47 15.87 3.31
CA LYS B 34 2.57 14.98 4.45
C LYS B 34 4.07 14.82 4.73
N VAL B 35 4.52 15.20 5.94
CA VAL B 35 5.94 15.18 6.27
C VAL B 35 6.30 14.46 7.58
N VAL B 36 7.58 14.08 7.72
CA VAL B 36 8.11 13.45 8.93
C VAL B 36 8.85 14.53 9.71
N PHE B 37 8.44 14.76 10.97
CA PHE B 37 9.10 15.70 11.86
C PHE B 37 10.19 14.90 12.57
N ASP B 38 11.40 14.97 11.98
CA ASP B 38 12.56 14.22 12.41
C ASP B 38 13.55 15.05 13.20
N THR B 39 13.76 14.70 14.48
CA THR B 39 14.72 15.39 15.34
C THR B 39 16.17 15.02 14.98
N GLY B 40 16.35 13.96 14.18
CA GLY B 40 17.67 13.47 13.76
C GLY B 40 18.14 14.02 12.42
N SER B 41 17.36 14.93 11.83
CA SER B 41 17.60 15.57 10.54
C SER B 41 17.46 17.09 10.73
N SER B 42 17.97 17.90 9.79
CA SER B 42 17.87 19.36 9.85
C SER B 42 17.45 19.99 8.53
N ASN B 43 17.23 19.16 7.51
CA ASN B 43 16.82 19.60 6.18
C ASN B 43 15.32 19.48 6.00
N VAL B 44 14.74 20.43 5.25
CA VAL B 44 13.33 20.45 4.87
C VAL B 44 13.31 20.12 3.37
N TRP B 45 12.55 19.09 2.99
CA TRP B 45 12.42 18.70 1.59
C TRP B 45 11.06 18.10 1.28
N VAL B 46 10.54 18.40 0.08
CA VAL B 46 9.25 17.92 -0.43
C VAL B 46 9.43 17.57 -1.92
N PRO B 47 8.65 16.62 -2.49
CA PRO B 47 8.80 16.33 -3.93
C PRO B 47 8.42 17.51 -4.81
N SER B 48 9.17 17.71 -5.89
CA SER B 48 9.00 18.79 -6.87
C SER B 48 8.08 18.36 -7.99
N SER B 49 7.42 19.33 -8.64
CA SER B 49 6.59 19.10 -9.83
C SER B 49 7.52 18.73 -11.00
N LYS B 50 8.82 19.13 -10.88
CA LYS B 50 9.88 18.85 -11.84
C LYS B 50 10.20 17.33 -11.88
N CYS B 51 9.44 16.59 -11.06
CA CYS B 51 9.38 15.15 -10.91
C CYS B 51 8.98 14.57 -12.27
N SER B 52 9.53 13.42 -12.64
CA SER B 52 9.15 12.79 -13.90
C SER B 52 7.95 11.87 -13.69
N ARG B 53 6.75 12.47 -13.57
CA ARG B 53 5.49 11.72 -13.50
C ARG B 53 5.37 11.11 -14.89
N LEU B 54 4.69 9.97 -15.04
CA LEU B 54 4.56 9.27 -16.34
C LEU B 54 5.66 8.19 -16.45
N TYR B 55 6.77 8.35 -15.67
CA TYR B 55 7.92 7.42 -15.64
C TYR B 55 8.31 6.94 -14.24
N THR B 56 8.43 7.88 -13.28
CA THR B 56 8.70 7.57 -11.86
C THR B 56 7.30 7.55 -11.21
N ALA B 57 7.23 7.46 -9.86
CA ALA B 57 5.94 7.47 -9.14
C ALA B 57 6.14 7.63 -7.61
N CYS B 58 6.26 8.88 -7.03
CA CYS B 58 6.24 10.24 -7.57
C CYS B 58 4.88 10.79 -7.97
N VAL B 59 4.15 10.12 -8.86
CA VAL B 59 2.80 10.53 -9.24
C VAL B 59 1.87 10.48 -7.99
N TYR B 60 2.11 9.50 -7.11
CA TYR B 60 1.38 9.21 -5.89
C TYR B 60 1.56 10.26 -4.82
N HIS B 61 2.67 10.99 -4.87
CA HIS B 61 3.03 11.98 -3.86
C HIS B 61 2.59 13.38 -4.20
N LYS B 62 2.30 14.20 -3.15
CA LYS B 62 1.94 15.61 -3.31
C LYS B 62 3.20 16.38 -3.72
N LEU B 63 3.13 17.04 -4.89
CA LEU B 63 4.27 17.72 -5.49
C LEU B 63 4.18 19.24 -5.41
N PHE B 64 5.33 19.90 -5.22
CA PHE B 64 5.43 21.35 -5.16
C PHE B 64 5.63 21.96 -6.53
N ASP B 65 4.68 22.81 -6.96
CA ASP B 65 4.76 23.51 -8.23
C ASP B 65 5.02 24.99 -7.96
N ALA B 66 6.23 25.46 -8.33
CA ALA B 66 6.70 26.83 -8.14
C ALA B 66 5.89 27.85 -8.93
N SER B 67 5.33 27.43 -10.08
CA SER B 67 4.52 28.28 -10.95
C SER B 67 3.14 28.64 -10.34
N ASP B 68 2.77 28.02 -9.20
CA ASP B 68 1.51 28.24 -8.49
C ASP B 68 1.73 28.96 -7.15
N SER B 69 2.91 29.56 -6.94
CA SER B 69 3.25 30.29 -5.71
C SER B 69 3.77 31.70 -6.01
N SER B 70 3.08 32.72 -5.45
CA SER B 70 3.44 34.13 -5.62
C SER B 70 4.60 34.56 -4.71
N SER B 71 4.93 33.72 -3.71
CA SER B 71 6.02 33.96 -2.76
C SER B 71 7.30 33.14 -3.04
N TYR B 72 7.28 32.33 -4.12
CA TYR B 72 8.41 31.49 -4.51
C TYR B 72 9.58 32.34 -4.98
N LYS B 73 10.79 31.98 -4.52
CA LYS B 73 12.05 32.61 -4.89
C LYS B 73 13.03 31.51 -5.25
N HIS B 74 13.53 31.54 -6.49
CA HIS B 74 14.48 30.55 -7.02
C HIS B 74 15.86 30.63 -6.37
N ASN B 75 16.55 29.48 -6.29
CA ASN B 75 17.93 29.35 -5.83
C ASN B 75 18.64 28.43 -6.82
N GLY B 76 18.17 27.17 -6.93
CA GLY B 76 18.66 26.19 -7.90
C GLY B 76 19.90 25.37 -7.55
N THR B 77 20.51 25.62 -6.37
CA THR B 77 21.71 24.89 -5.91
C THR B 77 21.39 23.42 -5.73
N GLU B 78 22.29 22.53 -6.22
CA GLU B 78 22.16 21.07 -6.14
C GLU B 78 22.01 20.64 -4.69
N LEU B 79 21.04 19.75 -4.43
CA LEU B 79 20.84 19.16 -3.11
C LEU B 79 20.89 17.66 -3.25
N THR B 80 21.81 17.03 -2.52
CA THR B 80 22.05 15.60 -2.54
C THR B 80 22.06 15.13 -1.10
N LEU B 81 20.99 14.45 -0.67
CA LEU B 81 20.86 13.91 0.69
C LEU B 81 21.14 12.42 0.64
N ARG B 82 22.34 12.04 1.10
CA ARG B 82 22.79 10.65 1.06
C ARG B 82 22.31 9.78 2.20
N TYR B 83 21.13 9.16 2.00
CA TYR B 83 20.60 8.15 2.91
C TYR B 83 21.30 6.85 2.41
N SER B 84 21.32 5.66 3.08
CA SER B 84 20.77 5.04 4.29
C SER B 84 20.37 3.56 4.03
N THR B 85 20.18 3.07 2.75
CA THR B 85 20.27 3.74 1.42
C THR B 85 18.88 3.93 0.75
N GLY B 86 18.67 5.00 -0.05
CA GLY B 86 19.60 6.07 -0.48
C GLY B 86 19.60 6.17 -2.00
N THR B 87 19.72 7.37 -2.63
CA THR B 87 19.96 8.75 -2.16
C THR B 87 18.86 9.72 -2.68
N VAL B 88 18.38 10.66 -1.83
CA VAL B 88 17.38 11.67 -2.20
C VAL B 88 18.11 12.87 -2.84
N SER B 89 17.71 13.25 -4.07
CA SER B 89 18.34 14.36 -4.78
C SER B 89 17.36 15.32 -5.43
N GLY B 90 17.75 16.59 -5.46
CA GLY B 90 16.97 17.68 -6.03
C GLY B 90 17.74 18.98 -6.05
N PHE B 91 17.03 20.10 -5.87
CA PHE B 91 17.60 21.45 -5.88
C PHE B 91 16.97 22.31 -4.80
N LEU B 92 17.63 23.41 -4.40
CA LEU B 92 17.13 24.30 -3.36
C LEU B 92 16.18 25.36 -3.86
N SER B 93 15.13 25.62 -3.07
CA SER B 93 14.12 26.62 -3.36
C SER B 93 13.68 27.32 -2.07
N GLN B 94 13.26 28.57 -2.20
CA GLN B 94 12.80 29.36 -1.07
C GLN B 94 11.33 29.76 -1.23
N ASP B 95 10.55 29.58 -0.13
CA ASP B 95 9.13 29.92 -0.06
C ASP B 95 8.65 29.99 1.40
N ILE B 96 7.38 30.40 1.61
CA ILE B 96 6.76 30.53 2.94
C ILE B 96 6.18 29.18 3.36
N ILE B 97 6.58 28.68 4.54
CA ILE B 97 6.06 27.41 5.08
C ILE B 97 5.05 27.69 6.19
N THR B 98 3.89 27.01 6.13
CA THR B 98 2.83 27.10 7.14
C THR B 98 2.86 25.83 8.01
N VAL B 99 3.24 25.98 9.29
CA VAL B 99 3.37 24.90 10.28
C VAL B 99 2.79 25.31 11.65
N GLY B 100 1.76 24.60 12.10
CA GLY B 100 1.09 24.85 13.37
C GLY B 100 0.58 26.27 13.53
N GLY B 101 0.19 26.89 12.41
CA GLY B 101 -0.29 28.27 12.37
C GLY B 101 0.85 29.27 12.50
N ILE B 102 1.96 29.00 11.81
CA ILE B 102 3.17 29.83 11.79
C ILE B 102 3.64 29.91 10.33
N THR B 103 4.12 31.09 9.90
CA THR B 103 4.62 31.29 8.54
C THR B 103 6.12 31.65 8.55
N VAL B 104 6.99 30.71 8.13
CA VAL B 104 8.45 30.90 8.07
C VAL B 104 8.97 31.10 6.64
N THR B 105 9.89 32.06 6.47
CA THR B 105 10.55 32.41 5.21
C THR B 105 12.05 32.20 5.40
N GLN B 106 11.32 29.53 4.30
CA GLN B 106 12.38 28.56 4.53
C GLN B 106 13.06 28.21 3.23
N MET B 107 14.35 27.83 3.30
CA MET B 107 15.08 27.34 2.15
C MET B 107 14.94 25.82 2.21
N PHE B 108 14.10 25.27 1.35
CA PHE B 108 13.83 23.84 1.33
C PHE B 108 14.35 23.17 0.05
N GLY B 109 14.26 21.85 0.00
CA GLY B 109 14.67 21.08 -1.16
C GLY B 109 13.51 20.65 -2.02
N GLU B 110 13.56 21.00 -3.31
CA GLU B 110 12.56 20.61 -4.29
C GLU B 110 13.17 19.36 -4.92
N VAL B 111 12.66 18.21 -4.49
CA VAL B 111 13.16 16.88 -4.84
C VAL B 111 12.56 16.28 -6.12
N THR B 112 13.44 15.86 -7.06
CA THR B 112 13.05 15.23 -8.32
C THR B 112 13.36 13.73 -8.29
N GLU B 113 14.27 13.30 -7.37
CA GLU B 113 14.66 11.89 -7.24
C GLU B 113 14.65 11.37 -5.81
N MET B 114 13.90 10.28 -5.60
CA MET B 114 13.73 9.61 -4.31
C MET B 114 13.97 8.12 -4.48
N PRO B 115 14.65 7.45 -3.52
CA PRO B 115 14.78 5.98 -3.58
C PRO B 115 13.40 5.35 -3.53
N ALA B 116 13.25 4.24 -4.25
CA ALA B 116 11.98 3.50 -4.33
C ALA B 116 11.48 3.05 -2.97
N LEU B 117 12.32 2.36 -2.20
CA LEU B 117 11.88 1.77 -0.94
C LEU B 117 11.62 2.62 0.27
N PRO B 118 12.55 3.38 0.86
CA PRO B 118 12.15 4.11 2.07
C PRO B 118 11.12 5.21 1.78
N PHE B 119 11.24 5.86 0.60
CA PHE B 119 10.48 7.06 0.22
C PHE B 119 9.26 6.96 -0.69
N MET B 120 9.36 6.23 -1.80
CA MET B 120 8.25 6.13 -2.75
C MET B 120 7.07 5.29 -2.25
N LEU B 121 7.33 4.09 -1.69
CA LEU B 121 6.29 3.14 -1.26
C LEU B 121 5.14 3.75 -0.43
N ALA B 122 5.47 4.44 0.66
CA ALA B 122 4.45 5.04 1.53
C ALA B 122 5.10 6.12 2.37
N GLU B 123 4.35 7.14 2.86
CA GLU B 123 2.97 7.60 2.63
C GLU B 123 3.10 9.11 2.76
N PHE B 124 4.17 9.52 3.49
CA PHE B 124 4.60 10.89 3.68
C PHE B 124 5.26 11.31 2.36
N ASP B 125 5.29 12.61 2.10
CA ASP B 125 5.86 13.16 0.88
C ASP B 125 7.28 13.65 1.11
N GLY B 126 7.50 14.34 2.22
CA GLY B 126 8.80 14.90 2.55
C GLY B 126 9.19 14.80 4.01
N VAL B 127 10.22 15.56 4.40
CA VAL B 127 10.79 15.56 5.75
C VAL B 127 10.97 16.99 6.25
N VAL B 128 10.62 17.24 7.52
CA VAL B 128 10.83 18.51 8.20
C VAL B 128 11.77 18.22 9.38
N GLY B 129 13.05 18.53 9.18
CA GLY B 129 14.13 18.33 10.14
C GLY B 129 14.03 19.25 11.34
N MET B 130 13.94 18.65 12.55
CA MET B 130 13.82 19.36 13.81
C MET B 130 15.14 19.42 14.60
N GLY B 131 16.24 19.05 13.94
CA GLY B 131 17.58 19.05 14.52
C GLY B 131 18.26 20.40 14.57
N PHE B 132 19.61 20.37 14.54
CA PHE B 132 20.48 21.55 14.62
C PHE B 132 21.26 21.75 13.32
N ILE B 133 21.72 22.99 13.05
CA ILE B 133 22.51 23.35 11.87
C ILE B 133 23.75 22.44 11.66
N GLU B 134 24.31 21.89 12.76
CA GLU B 134 25.48 20.98 12.78
C GLU B 134 25.26 19.71 11.96
N GLN B 135 23.99 19.27 11.80
CA GLN B 135 23.62 18.09 11.04
C GLN B 135 22.80 18.40 9.77
N ALA B 136 22.79 19.68 9.35
CA ALA B 136 22.11 20.14 8.14
C ALA B 136 23.04 19.95 6.93
N ILE B 137 22.51 19.33 5.85
CA ILE B 137 23.27 19.09 4.62
C ILE B 137 23.21 20.33 3.72
N GLY B 138 24.39 20.84 3.38
CA GLY B 138 24.58 22.04 2.58
C GLY B 138 24.51 23.29 3.43
N ARG B 139 24.65 23.08 4.76
CA ARG B 139 24.55 24.06 5.84
C ARG B 139 23.41 25.09 5.73
N VAL B 140 22.27 24.65 5.16
CA VAL B 140 21.07 25.46 5.03
C VAL B 140 20.36 25.49 6.40
N THR B 141 20.10 26.70 6.92
CA THR B 141 19.46 26.98 8.20
C THR B 141 18.23 26.10 8.43
N PRO B 142 18.16 25.34 9.56
CA PRO B 142 16.97 24.50 9.81
C PRO B 142 15.72 25.32 10.07
N ILE B 143 14.54 24.69 9.94
CA ILE B 143 13.25 25.36 10.15
C ILE B 143 13.09 25.94 11.57
N PHE B 144 13.53 25.20 12.61
CA PHE B 144 13.42 25.68 13.98
C PHE B 144 14.29 26.89 14.28
N ASP B 145 15.49 26.96 13.68
CA ASP B 145 16.40 28.10 13.82
C ASP B 145 15.69 29.35 13.27
N ASN B 146 15.02 29.19 12.11
CA ASN B 146 14.24 30.24 11.45
C ASN B 146 13.00 30.63 12.24
N ILE B 147 12.33 29.65 12.90
CA ILE B 147 11.15 29.96 13.72
C ILE B 147 11.58 30.79 14.96
N ILE B 148 12.72 30.40 15.57
CA ILE B 148 13.29 31.11 16.73
C ILE B 148 13.62 32.57 16.38
N SER B 149 14.34 32.81 15.27
CA SER B 149 14.76 34.16 14.84
C SER B 149 13.62 35.07 14.38
N GLN B 150 12.48 34.49 13.96
CA GLN B 150 11.31 35.25 13.51
C GLN B 150 10.52 35.91 14.64
N GLY B 151 10.71 35.42 15.87
CA GLY B 151 10.04 35.92 17.06
C GLY B 151 8.55 35.63 17.08
N VAL B 152 8.19 34.34 16.91
CA VAL B 152 6.79 33.89 16.91
C VAL B 152 6.47 32.88 18.01
N LEU B 153 7.51 32.34 18.68
CA LEU B 153 7.31 31.38 19.76
C LEU B 153 7.49 31.97 21.14
N LYS B 154 6.65 31.53 22.09
CA LYS B 154 6.68 31.95 23.49
C LYS B 154 7.94 31.42 24.20
N GLU B 155 8.45 30.27 23.73
CA GLU B 155 9.66 29.60 24.23
C GLU B 155 10.40 28.96 23.06
N ASP B 156 11.74 28.92 23.13
CA ASP B 156 12.54 28.29 22.08
C ASP B 156 12.61 26.78 22.33
N VAL B 157 11.43 26.16 22.45
CA VAL B 157 11.24 24.73 22.72
C VAL B 157 10.10 24.18 21.84
N PHE B 158 10.07 22.84 21.72
CA PHE B 158 9.05 22.09 21.02
C PHE B 158 8.90 20.73 21.71
N SER B 159 7.67 20.29 21.92
CA SER B 159 7.40 19.03 22.61
C SER B 159 6.59 18.06 21.75
N PHE B 160 6.85 16.75 21.94
CA PHE B 160 6.20 15.68 21.18
C PHE B 160 5.30 14.82 22.07
N TYR B 161 4.05 14.60 21.63
CA TYR B 161 3.06 13.75 22.29
C TYR B 161 2.60 12.69 21.30
N TYR B 162 2.71 11.42 21.69
CA TYR B 162 2.22 10.29 20.88
C TYR B 162 1.06 9.67 21.64
N ASN B 163 -0.11 9.60 20.99
CA ASN B 163 -1.31 9.04 21.62
C ASN B 163 -1.28 7.53 21.81
N ARG B 164 -2.16 7.02 22.69
CA ARG B 164 -2.27 5.60 23.04
C ARG B 164 -3.07 4.70 22.09
N ASP B 165 -3.73 5.27 21.07
CA ASP B 165 -4.48 4.50 20.06
C ASP B 165 -4.26 5.07 18.65
N SER B 166 -4.02 4.16 17.68
CA SER B 166 -3.71 4.40 16.26
C SER B 166 -2.35 5.07 16.07
N GLY B 168 -3.88 10.01 16.99
CA GLY B 168 -2.56 9.56 16.54
C GLY B 168 -1.41 10.13 17.35
N GLY B 169 -1.21 11.43 17.24
CA GLY B 169 -0.16 12.18 17.92
C GLY B 169 -0.25 13.68 17.73
N GLN B 170 0.68 14.44 18.38
CA GLN B 170 0.72 15.90 18.33
C GLN B 170 2.09 16.50 18.69
N ILE B 171 2.45 17.65 18.06
CA ILE B 171 3.66 18.42 18.33
C ILE B 171 3.25 19.84 18.75
N VAL B 172 3.79 20.31 19.88
CA VAL B 172 3.52 21.65 20.39
C VAL B 172 4.77 22.53 20.15
N LEU B 173 4.58 23.69 19.50
CA LEU B 173 5.68 24.62 19.25
C LEU B 173 5.60 25.80 20.24
N GLY B 174 6.73 26.11 20.87
CA GLY B 174 6.83 27.20 21.83
C GLY B 174 6.25 26.93 23.20
N GLY B 175 6.39 25.68 23.66
CA GLY B 175 5.90 25.26 24.96
C GLY B 175 5.56 23.78 25.05
N SER B 176 4.90 23.41 26.15
CA SER B 176 4.48 22.04 26.46
C SER B 176 3.14 22.09 27.17
N ASP B 177 2.11 21.51 26.53
CA ASP B 177 0.72 21.50 27.01
C ASP B 177 0.55 20.68 28.30
N PRO B 178 0.08 21.32 29.41
CA PRO B 178 -0.14 20.57 30.67
C PRO B 178 -1.19 19.45 30.59
N GLN B 179 -2.03 19.45 29.53
CA GLN B 179 -3.03 18.42 29.25
C GLN B 179 -2.31 17.08 29.03
N HIS B 180 -1.21 17.14 28.26
CA HIS B 180 -0.40 16.01 27.83
C HIS B 180 0.47 15.36 28.90
N TYR B 181 0.80 16.07 29.99
CA TYR B 181 1.67 15.49 31.01
C TYR B 181 1.21 15.62 32.47
N GLU B 182 1.76 14.75 33.33
CA GLU B 182 1.53 14.76 34.77
C GLU B 182 2.89 14.82 35.50
N GLY B 183 2.89 15.53 36.62
CA GLY B 183 4.11 15.75 37.40
C GLY B 183 4.92 16.89 36.83
N ASN B 184 6.22 16.92 37.15
CA ASN B 184 7.12 17.97 36.67
C ASN B 184 8.27 17.41 35.84
N PHE B 185 8.57 18.09 34.72
CA PHE B 185 9.62 17.71 33.77
C PHE B 185 10.97 17.49 34.44
N HIS B 186 11.65 16.40 34.05
CA HIS B 186 12.99 16.09 34.53
C HIS B 186 13.94 16.38 33.38
N TYR B 187 14.71 17.47 33.52
CA TYR B 187 15.62 17.92 32.48
C TYR B 187 17.00 17.30 32.55
N ILE B 188 17.41 16.73 31.42
CA ILE B 188 18.73 16.16 31.22
C ILE B 188 19.41 17.04 30.17
N ASN B 189 20.53 17.68 30.53
CA ASN B 189 21.27 18.53 29.62
C ASN B 189 21.93 17.68 28.53
N LEU B 190 21.95 18.22 27.29
CA LEU B 190 22.54 17.55 26.13
C LEU B 190 24.03 17.34 26.33
N ILE B 191 24.54 16.20 25.84
CA ILE B 191 25.95 15.81 25.88
C ILE B 191 26.85 16.90 25.29
N LYS B 192 26.28 17.67 24.33
CA LYS B 192 26.85 18.79 23.56
C LYS B 192 25.77 19.30 22.59
N THR B 193 25.96 20.54 22.09
CA THR B 193 25.05 21.16 21.12
C THR B 193 25.29 20.51 19.73
N GLY B 194 24.28 20.56 18.88
CA GLY B 194 24.37 20.00 17.54
C GLY B 194 23.60 18.70 17.32
N VAL B 195 23.30 17.98 18.42
CA VAL B 195 22.57 16.71 18.37
C VAL B 195 21.67 16.53 19.61
N TRP B 196 20.45 15.98 19.40
CA TRP B 196 19.50 15.70 20.47
C TRP B 196 19.89 14.36 21.11
N GLN B 197 21.07 14.33 21.76
CA GLN B 197 21.64 13.14 22.37
C GLN B 197 22.04 13.44 23.82
N ILE B 198 21.66 12.55 24.73
CA ILE B 198 21.94 12.68 26.17
C ILE B 198 22.70 11.47 26.73
N GLN B 199 23.34 11.65 27.89
CA GLN B 199 24.12 10.61 28.59
C GLN B 199 23.18 9.62 29.28
N MET B 200 23.56 8.33 29.27
CA MET B 200 22.83 7.23 29.90
C MET B 200 23.78 6.47 30.83
N LYS B 201 23.33 6.15 32.06
CA LYS B 201 24.15 5.45 33.06
C LYS B 201 23.67 4.02 33.38
N GLY B 202 23.03 3.37 32.41
CA GLY B 202 22.55 2.00 32.59
C GLY B 202 21.24 1.65 31.92
N VAL B 203 21.07 0.37 31.59
CA VAL B 203 19.86 -0.21 31.00
C VAL B 203 19.58 -1.49 31.80
N SER B 204 18.49 -1.51 32.58
CA SER B 204 18.16 -2.65 33.42
C SER B 204 16.90 -3.42 33.03
N VAL B 205 16.90 -4.75 33.29
CA VAL B 205 15.81 -5.68 33.03
C VAL B 205 15.51 -6.34 34.39
N GLY B 206 14.46 -5.89 35.07
CA GLY B 206 14.13 -6.42 36.39
C GLY B 206 13.33 -5.53 37.33
N SER B 207 13.88 -4.40 37.84
CA SER B 207 15.16 -3.74 37.52
C SER B 207 16.43 -4.40 38.07
N SER B 208 17.18 -5.04 37.18
CA SER B 208 18.48 -5.69 37.41
C SER B 208 19.41 -5.29 36.25
N THR B 209 20.40 -4.41 36.52
CA THR B 209 21.36 -3.88 35.55
C THR B 209 22.05 -4.93 34.70
N LEU B 210 21.69 -4.94 33.43
CA LEU B 210 22.17 -5.88 32.42
C LEU B 210 23.20 -5.19 31.51
N LEU B 211 22.88 -3.98 31.02
CA LEU B 211 23.72 -3.24 30.08
C LEU B 211 23.93 -1.78 30.48
N CYS B 212 24.71 -1.05 29.66
CA CYS B 212 25.06 0.36 29.77
C CYS B 212 25.74 0.80 31.09
N GLU B 213 26.38 -0.15 31.81
CA GLU B 213 27.18 0.23 32.98
C GLU B 213 28.46 0.90 32.48
N ASP B 214 29.10 1.74 33.33
CA ASP B 214 30.26 2.60 33.01
C ASP B 214 29.78 3.87 32.28
N GLY B 215 28.69 3.72 31.51
CA GLY B 215 28.03 4.79 30.75
C GLY B 215 27.92 4.51 29.26
N CYS B 216 26.90 5.12 28.62
CA CYS B 216 26.64 5.05 27.17
C CYS B 216 25.79 6.23 26.70
N LEU B 217 25.61 6.37 25.37
CA LEU B 217 24.83 7.48 24.81
C LEU B 217 23.41 7.07 24.38
N ALA B 218 22.46 8.00 24.47
CA ALA B 218 21.07 7.79 24.07
C ALA B 218 20.53 8.97 23.28
N LEU B 219 20.08 8.71 22.05
CA LEU B 219 19.50 9.68 21.13
C LEU B 219 17.99 9.72 21.35
N VAL B 220 17.34 10.84 21.01
CA VAL B 220 15.89 10.99 21.13
C VAL B 220 15.38 11.28 19.72
N ASP B 221 15.20 10.21 18.93
CA ASP B 221 14.81 10.27 17.52
C ASP B 221 13.30 10.15 17.35
N THR B 222 12.69 11.16 16.70
CA THR B 222 11.26 11.21 16.41
C THR B 222 10.96 10.62 15.03
N GLY B 223 12.02 10.28 14.30
CA GLY B 223 11.91 9.68 12.98
C GLY B 223 11.43 8.25 13.04
N ALA B 224 11.78 7.50 14.11
CA ALA B 224 11.40 6.11 14.28
C ALA B 224 10.50 5.86 15.49
N SER B 225 9.86 4.68 15.51
CA SER B 225 9.02 4.24 16.62
C SER B 225 9.83 3.37 17.57
N TYR B 226 10.74 2.57 17.01
CA TYR B 226 11.58 1.59 17.70
C TYR B 226 12.59 2.19 18.66
N ILE B 227 12.98 1.38 19.66
CA ILE B 227 14.06 1.66 20.60
C ILE B 227 15.21 0.87 20.00
N SER B 228 16.37 1.50 19.83
CA SER B 228 17.48 0.77 19.23
C SER B 228 18.76 0.86 20.05
N GLY B 229 19.63 -0.12 19.84
CA GLY B 229 20.94 -0.20 20.48
C GLY B 229 21.91 -0.92 19.57
N SER B 230 23.18 -1.00 20.00
CA SER B 230 24.21 -1.71 19.24
C SER B 230 23.88 -3.20 19.16
N THR B 231 24.29 -3.86 18.05
CA THR B 231 24.03 -5.28 17.81
C THR B 231 24.32 -6.14 19.04
N SER B 232 25.52 -5.99 19.63
CA SER B 232 25.93 -6.71 20.83
C SER B 232 25.05 -6.35 22.04
N SER B 233 24.67 -5.06 22.21
CA SER B 233 23.80 -4.61 23.31
C SER B 233 22.40 -5.21 23.22
N ILE B 234 21.77 -5.14 22.03
CA ILE B 234 20.43 -5.71 21.76
C ILE B 234 20.45 -7.23 21.89
N GLU B 235 21.56 -7.89 21.50
CA GLU B 235 21.72 -9.35 21.59
C GLU B 235 21.62 -9.81 23.05
N LYS B 236 22.29 -9.08 23.97
CA LYS B 236 22.29 -9.31 25.41
C LYS B 236 20.89 -9.02 26.00
N LEU B 237 20.28 -7.88 25.61
CA LEU B 237 18.96 -7.44 26.06
C LEU B 237 17.88 -8.46 25.68
N MET B 238 17.91 -8.93 24.42
CA MET B 238 16.94 -9.91 23.92
C MET B 238 17.06 -11.29 24.55
N GLU B 239 18.29 -11.66 24.95
CA GLU B 239 18.59 -12.92 25.63
C GLU B 239 17.90 -12.90 27.01
N ALA B 240 17.92 -11.73 27.68
CA ALA B 240 17.29 -11.51 28.98
C ALA B 240 15.76 -11.60 28.89
N LEU B 241 15.17 -11.07 27.80
CA LEU B 241 13.71 -11.10 27.59
C LEU B 241 13.25 -12.43 27.01
N GLY B 242 14.19 -13.18 26.41
CA GLY B 242 13.90 -14.47 25.77
C GLY B 242 13.20 -14.35 24.43
N ALA B 243 13.25 -13.16 23.81
CA ALA B 243 12.62 -12.90 22.51
C ALA B 243 13.47 -13.50 21.39
N LYS B 244 12.82 -14.26 20.49
CA LYS B 244 13.47 -14.94 19.37
C LYS B 244 13.75 -14.00 18.21
N LYS B 245 14.95 -14.12 17.60
CA LYS B 245 15.32 -13.34 16.42
C LYS B 245 14.76 -14.08 15.22
N ARG B 246 13.60 -13.62 14.71
CA ARG B 246 12.93 -14.24 13.58
C ARG B 246 13.60 -13.84 12.28
N LEU B 247 11.80 -11.31 10.76
CA LEU B 247 13.09 -11.76 10.26
C LEU B 247 14.29 -10.88 10.67
N PHE B 248 14.13 -9.56 10.53
CA PHE B 248 15.09 -8.53 10.96
C PHE B 248 14.58 -7.93 12.28
N ASP B 249 13.48 -8.52 12.80
CA ASP B 249 12.80 -8.11 14.02
C ASP B 249 12.69 -9.23 15.06
N TYR B 250 12.69 -8.85 16.35
CA TYR B 250 12.58 -9.75 17.49
C TYR B 250 11.12 -9.98 17.84
N VAL B 251 10.75 -11.25 18.07
CA VAL B 251 9.36 -11.63 18.32
C VAL B 251 9.20 -12.51 19.58
N VAL B 252 7.95 -12.58 20.07
CA VAL B 252 7.49 -13.41 21.18
C VAL B 252 6.12 -13.99 20.83
N LYS B 253 5.75 -15.13 21.44
CA LYS B 253 4.43 -15.72 21.28
C LYS B 253 3.48 -14.67 21.88
N CYS B 254 2.46 -14.22 21.13
CA CYS B 254 1.55 -13.16 21.57
C CYS B 254 1.00 -13.27 23.00
N ASN B 255 0.75 -14.50 23.48
CA ASN B 255 0.24 -14.76 24.83
C ASN B 255 1.29 -14.44 25.90
N GLU B 256 2.57 -14.64 25.57
CA GLU B 256 3.72 -14.40 26.44
C GLU B 256 4.14 -12.91 26.50
N GLY B 257 3.51 -12.08 25.66
CA GLY B 257 3.74 -10.64 25.62
C GLY B 257 3.65 -10.02 27.01
N PRO B 258 2.47 -10.10 27.68
CA PRO B 258 2.36 -9.54 29.04
C PRO B 258 3.18 -10.22 30.15
N THR B 259 4.02 -11.23 29.83
CA THR B 259 4.87 -11.94 30.81
C THR B 259 6.35 -11.51 30.69
N LEU B 260 6.64 -10.58 29.77
CA LEU B 260 7.98 -10.08 29.48
C LEU B 260 8.42 -9.09 30.55
N PRO B 261 9.71 -9.13 30.99
CA PRO B 261 10.16 -8.22 32.07
C PRO B 261 10.27 -6.77 31.64
N ASP B 262 10.13 -5.84 32.60
CA ASP B 262 10.24 -4.41 32.33
C ASP B 262 11.67 -4.00 31.97
N ILE B 263 11.79 -2.93 31.19
CA ILE B 263 13.09 -2.39 30.76
C ILE B 263 13.15 -0.95 31.24
N SER B 264 14.21 -0.62 31.98
CA SER B 264 14.39 0.74 32.48
C SER B 264 15.70 1.38 32.00
N PHE B 265 15.60 2.65 31.58
CA PHE B 265 16.73 3.41 31.06
C PHE B 265 17.14 4.48 32.07
N HIS B 266 18.36 4.33 32.60
CA HIS B 266 18.95 5.22 33.60
C HIS B 266 19.37 6.55 32.94
N LEU B 267 18.49 7.56 33.04
CA LEU B 267 18.71 8.88 32.43
C LEU B 267 18.71 9.99 33.48
N GLY B 268 19.90 10.50 33.80
CA GLY B 268 20.10 11.59 34.74
C GLY B 268 19.55 11.40 36.14
N GLY B 269 19.87 10.26 36.76
CA GLY B 269 19.43 9.94 38.10
C GLY B 269 18.13 9.16 38.13
N LYS B 270 17.05 9.77 37.59
CA LYS B 270 15.73 9.15 37.51
C LYS B 270 15.73 7.94 36.58
N GLU B 271 14.94 6.92 36.91
CA GLU B 271 14.83 5.70 36.11
C GLU B 271 13.53 5.67 35.30
N TYR B 272 13.66 5.50 33.97
CA TYR B 272 12.56 5.49 33.01
C TYR B 272 12.22 4.06 32.59
N THR B 273 11.10 3.53 33.09
CA THR B 273 10.66 2.16 32.86
C THR B 273 9.62 2.02 31.74
N LEU B 274 9.87 1.08 30.83
CA LEU B 274 8.98 0.69 29.73
C LEU B 274 8.62 -0.78 29.96
N THR B 275 7.33 -1.06 30.17
CA THR B 275 6.83 -2.41 30.42
C THR B 275 6.42 -3.08 29.10
N SER B 276 5.90 -4.32 29.16
CA SER B 276 5.43 -5.10 28.00
C SER B 276 4.39 -4.32 27.20
N ALA B 277 3.48 -3.60 27.89
CA ALA B 277 2.43 -2.79 27.27
C ALA B 277 3.03 -1.67 26.40
N ASP B 278 4.23 -1.18 26.79
CA ASP B 278 4.94 -0.11 26.10
C ASP B 278 5.78 -0.58 24.90
N TYR B 279 6.50 -1.71 25.02
CA TYR B 279 7.40 -2.19 23.96
C TYR B 279 6.95 -3.37 23.07
N VAL B 280 5.79 -3.99 23.35
CA VAL B 280 5.30 -5.13 22.55
C VAL B 280 4.13 -4.70 21.64
N PHE B 281 4.23 -4.98 20.32
CA PHE B 281 3.13 -4.71 19.40
C PHE B 281 2.10 -5.83 19.60
N GLN B 282 1.26 -5.64 20.62
CA GLN B 282 0.25 -6.60 21.06
C GLN B 282 -0.93 -6.70 20.09
N GLU B 283 -0.66 -7.25 18.89
CA GLU B 283 -1.65 -7.41 17.82
C GLU B 283 -2.72 -8.44 18.16
N SER B 284 -2.36 -9.42 19.01
CA SER B 284 -3.23 -10.51 19.47
C SER B 284 -2.70 -11.04 20.82
N TYR B 285 -3.42 -12.02 21.40
CA TYR B 285 -3.03 -12.67 22.65
C TYR B 285 -2.97 -14.20 22.44
N SER B 286 -3.07 -14.61 21.17
CA SER B 286 -3.05 -16.01 20.74
C SER B 286 -1.67 -16.62 20.86
N SER B 287 -1.61 -17.89 21.31
CA SER B 287 -0.39 -18.68 21.41
C SER B 287 0.09 -19.07 20.01
N LYS B 288 -0.87 -19.23 19.08
CA LYS B 288 -0.67 -19.60 17.67
C LYS B 288 -0.04 -18.49 16.80
N LYS B 289 0.15 -17.26 17.36
CA LYS B 289 0.74 -16.11 16.64
C LYS B 289 1.98 -15.53 17.33
N LEU B 290 2.81 -14.83 16.54
CA LEU B 290 4.02 -14.16 17.02
C LEU B 290 3.82 -12.65 17.02
N CYS B 291 4.25 -11.99 18.10
CA CYS B 291 4.12 -10.54 18.28
C CYS B 291 5.50 -9.86 18.23
N THR B 292 5.60 -8.76 17.48
CA THR B 292 6.86 -8.01 17.29
C THR B 292 7.13 -7.06 18.46
N LEU B 293 8.41 -6.93 18.83
CA LEU B 293 8.85 -5.99 19.87
C LEU B 293 9.33 -4.73 19.18
N ALA B 294 8.97 -3.55 19.73
CA ALA B 294 9.38 -2.25 19.21
C ALA B 294 10.85 -1.94 19.57
N ILE B 295 11.71 -2.97 19.50
CA ILE B 295 13.15 -2.88 19.81
C ILE B 295 13.92 -3.71 18.78
N HIS B 296 15.00 -3.12 18.22
CA HIS B 296 15.89 -3.76 17.25
C HIS B 296 17.32 -3.24 17.33
N ALA B 297 18.24 -3.86 16.59
CA ALA B 297 19.64 -3.44 16.53
C ALA B 297 19.84 -2.38 15.44
N MET B 298 20.57 -1.30 15.78
CA MET B 298 20.89 -0.22 14.84
C MET B 298 22.25 0.41 15.20
N ASP B 299 23.32 -0.10 14.56
CA ASP B 299 24.68 0.38 14.80
C ASP B 299 24.91 1.72 14.10
N ILE B 300 25.02 2.80 14.89
CA ILE B 300 25.24 4.14 14.38
C ILE B 300 26.76 4.44 14.35
N PRO B 301 27.32 4.89 13.19
CA PRO B 301 28.76 5.15 13.12
C PRO B 301 29.19 6.45 13.81
N PRO B 302 30.50 6.60 14.16
CA PRO B 302 30.98 7.87 14.79
C PRO B 302 30.80 9.12 13.91
N PRO B 303 30.73 10.34 14.49
CA PRO B 303 30.82 10.68 15.92
C PRO B 303 29.52 10.52 16.72
N THR B 304 28.37 10.39 16.02
CA THR B 304 27.05 10.23 16.64
C THR B 304 26.96 8.93 17.47
N GLY B 305 27.42 7.83 16.88
CA GLY B 305 27.42 6.51 17.51
C GLY B 305 28.78 6.07 18.04
N PRO B 306 28.86 4.93 18.77
CA PRO B 306 27.80 3.97 19.12
C PRO B 306 26.81 4.56 20.12
N THR B 307 25.51 4.53 19.76
CA THR B 307 24.45 5.12 20.57
C THR B 307 23.14 4.36 20.56
N TRP B 308 22.33 4.56 21.61
CA TRP B 308 20.98 4.04 21.72
C TRP B 308 20.07 5.09 21.08
N ALA B 309 18.87 4.70 20.66
CA ALA B 309 17.91 5.65 20.10
C ALA B 309 16.57 5.43 20.75
N LEU B 310 15.93 6.50 21.22
CA LEU B 310 14.64 6.44 21.88
C LEU B 310 13.56 7.01 20.97
N GLY B 311 12.86 6.12 20.28
CA GLY B 311 11.82 6.46 19.32
C GLY B 311 10.46 6.78 19.92
N ALA B 312 9.42 6.75 19.07
CA ALA B 312 8.03 7.05 19.44
C ALA B 312 7.47 6.15 20.56
N THR B 313 7.98 4.92 20.72
CA THR B 313 7.51 4.04 21.77
C THR B 313 7.95 4.50 23.18
N PHE B 314 9.12 5.19 23.28
CA PHE B 314 9.60 5.77 24.54
C PHE B 314 8.84 7.07 24.81
N ILE B 315 8.73 7.94 23.79
CA ILE B 315 8.04 9.24 23.86
C ILE B 315 6.52 9.09 24.12
N ARG B 316 5.92 7.94 23.74
CA ARG B 316 4.50 7.67 23.99
C ARG B 316 4.20 7.65 25.49
N LYS B 317 5.11 7.09 26.31
CA LYS B 317 4.97 7.01 27.76
C LYS B 317 5.56 8.25 28.41
N PHE B 318 6.70 8.74 27.89
CA PHE B 318 7.36 9.92 28.43
C PHE B 318 7.35 11.09 27.46
N TYR B 319 6.38 12.02 27.68
CA TYR B 319 6.17 13.27 26.92
C TYR B 319 7.49 14.03 26.90
N THR B 320 8.02 14.24 25.69
CA THR B 320 9.34 14.84 25.49
C THR B 320 9.33 16.30 25.05
N GLU B 321 10.03 17.16 25.82
CA GLU B 321 10.21 18.57 25.52
C GLU B 321 11.65 18.77 25.06
N PHE B 322 11.82 19.40 23.89
CA PHE B 322 13.13 19.64 23.29
C PHE B 322 13.52 21.12 23.47
N ASP B 323 14.40 21.40 24.45
CA ASP B 323 14.83 22.77 24.78
C ASP B 323 16.03 23.22 23.95
N ARG B 324 15.81 24.17 23.02
CA ARG B 324 16.88 24.72 22.19
C ARG B 324 17.66 25.82 22.94
N ARG B 325 16.92 26.65 23.72
CA ARG B 325 17.43 27.77 24.51
C ARG B 325 18.44 27.37 25.59
N ASN B 326 18.28 26.18 26.19
CA ASN B 326 19.17 25.70 27.26
C ASN B 326 19.91 24.40 26.91
N ASN B 327 19.74 23.91 25.66
CA ASN B 327 20.32 22.67 25.14
C ASN B 327 20.12 21.48 26.09
N ARG B 328 18.85 21.10 26.29
CA ARG B 328 18.45 20.01 27.17
C ARG B 328 17.14 19.33 26.70
N ILE B 329 16.83 18.15 27.27
CA ILE B 329 15.63 17.36 26.97
C ILE B 329 14.84 17.22 28.30
N GLY B 330 13.52 17.38 28.23
CA GLY B 330 12.64 17.26 29.37
C GLY B 330 11.61 16.17 29.22
N PHE B 331 11.59 15.21 30.16
CA PHE B 331 10.66 14.09 30.15
C PHE B 331 9.64 14.16 31.28
N ALA B 332 8.38 13.78 30.98
CA ALA B 332 7.26 13.76 31.92
C ALA B 332 6.24 12.70 31.51
N LEU B 333 5.57 12.06 32.49
CA LEU B 333 4.60 10.99 32.23
C LEU B 333 3.40 11.48 31.43
N ALA B 334 3.17 10.85 30.27
CA ALA B 334 2.11 11.20 29.32
C ALA B 334 0.68 10.99 29.86
N ARG B 335 -0.30 11.71 29.26
CA ARG B 335 -1.73 11.76 29.57
C ARG B 335 -2.02 12.43 30.93
N THR C 6 -10.56 -34.03 -7.29
CA THR C 6 -10.97 -35.41 -7.01
C THR C 6 -11.95 -35.52 -5.81
N THR C 7 -11.69 -34.71 -4.75
CA THR C 7 -12.48 -34.60 -3.51
C THR C 7 -13.17 -33.23 -3.42
N PHE C 8 -12.73 -32.30 -4.33
CA PHE C 8 -13.07 -30.87 -4.52
C PHE C 8 -11.88 -30.03 -4.04
N LYS C 9 -11.04 -29.59 -5.00
CA LYS C 9 -9.87 -28.75 -4.72
C LYS C 9 -10.34 -27.31 -4.69
N ARG C 10 -9.93 -26.55 -3.66
CA ARG C 10 -10.34 -25.15 -3.49
C ARG C 10 -9.18 -24.17 -3.42
N ILE C 11 -9.32 -23.01 -4.09
CA ILE C 11 -8.35 -21.92 -4.03
C ILE C 11 -9.00 -20.87 -3.15
N PHE C 12 -8.48 -20.66 -1.94
CA PHE C 12 -9.06 -19.66 -1.03
C PHE C 12 -8.70 -18.24 -1.39
N LEU C 13 -9.73 -17.44 -1.75
CA LEU C 13 -9.55 -16.04 -2.09
C LEU C 13 -9.59 -15.17 -0.83
N LYS C 14 -8.45 -14.53 -0.54
CA LYS C 14 -8.25 -13.71 0.65
C LYS C 14 -8.41 -12.23 0.32
N ARG C 15 -9.05 -11.47 1.23
CA ARG C 15 -9.30 -10.04 1.05
C ARG C 15 -8.03 -9.19 1.13
N MET C 16 -7.87 -8.30 0.15
CA MET C 16 -6.75 -7.36 0.04
C MET C 16 -7.27 -5.96 -0.32
N PRO C 17 -6.55 -4.87 0.01
CA PRO C 17 -7.02 -3.54 -0.41
C PRO C 17 -6.74 -3.32 -1.90
N SER C 18 -7.78 -2.92 -2.66
CA SER C 18 -7.65 -2.65 -4.09
C SER C 18 -6.80 -1.41 -4.34
N ILE C 19 -6.30 -1.24 -5.58
CA ILE C 19 -5.47 -0.10 -5.96
C ILE C 19 -6.21 1.21 -5.69
N ARG C 20 -7.50 1.27 -6.09
CA ARG C 20 -8.41 2.42 -5.89
C ARG C 20 -8.51 2.76 -4.40
N GLU C 21 -8.78 1.74 -3.55
CA GLU C 21 -8.89 1.85 -2.09
C GLU C 21 -7.61 2.40 -1.47
N SER C 22 -6.43 1.93 -1.94
CA SER C 22 -5.11 2.37 -1.46
C SER C 22 -4.86 3.83 -1.80
N LEU C 23 -5.23 4.25 -3.04
CA LEU C 23 -5.09 5.63 -3.51
C LEU C 23 -5.90 6.59 -2.62
N LYS C 24 -7.14 6.20 -2.27
CA LYS C 24 -8.06 6.94 -1.39
C LYS C 24 -7.49 7.08 0.02
N GLU C 25 -6.93 5.97 0.57
CA GLU C 25 -6.31 5.95 1.90
C GLU C 25 -5.09 6.86 2.00
N ARG C 26 -4.32 6.96 0.90
CA ARG C 26 -3.11 7.79 0.82
C ARG C 26 -3.43 9.25 0.52
N GLY C 27 -4.64 9.48 0.01
CA GLY C 27 -5.14 10.81 -0.33
C GLY C 27 -4.62 11.30 -1.66
N VAL C 28 -4.44 10.38 -2.62
CA VAL C 28 -3.94 10.71 -3.96
C VAL C 28 -5.08 11.31 -4.79
N ASP C 29 -4.84 12.52 -5.34
CA ASP C 29 -5.80 13.23 -6.19
C ASP C 29 -5.87 12.49 -7.53
N MET C 30 -7.08 11.96 -7.84
CA MET C 30 -7.37 11.19 -9.06
C MET C 30 -7.08 11.92 -10.36
N ALA C 31 -7.29 13.25 -10.39
CA ALA C 31 -7.05 14.09 -11.56
C ALA C 31 -5.55 14.27 -11.81
N ARG C 32 -4.74 14.19 -10.73
CA ARG C 32 -3.28 14.36 -10.77
C ARG C 32 -2.48 13.05 -11.02
N LEU C 33 -3.07 12.11 -11.80
CA LEU C 33 -2.45 10.84 -12.17
C LEU C 33 -1.92 10.83 -13.62
N GLY C 34 -2.18 11.92 -14.34
CA GLY C 34 -1.75 12.10 -15.73
C GLY C 34 -2.91 12.27 -16.69
N PRO C 35 -2.63 12.58 -17.98
CA PRO C 35 -3.73 12.79 -18.94
C PRO C 35 -4.54 11.54 -19.30
N GLU C 36 -5.65 11.69 -20.06
CA GLU C 36 -6.53 10.59 -20.50
C GLU C 36 -5.73 9.48 -21.18
N TRP C 37 -4.85 9.88 -22.13
CA TRP C 37 -3.90 8.97 -22.75
C TRP C 37 -2.82 8.85 -21.66
N SER C 38 -2.48 7.64 -21.20
CA SER C 38 -1.45 7.41 -20.19
C SER C 38 -1.20 5.96 -19.82
N GLN C 39 -2.18 5.16 -19.37
CA GLN C 39 -3.58 5.42 -19.07
C GLN C 39 -3.72 4.62 -17.76
N PRO C 40 -3.26 5.11 -16.57
CA PRO C 40 -3.28 4.29 -15.34
C PRO C 40 -3.76 2.81 -15.40
N MET C 41 -3.02 2.05 -16.22
CA MET C 41 -3.10 0.64 -16.65
C MET C 41 -4.28 -0.20 -16.20
N LYS C 42 -5.10 -0.64 -17.18
CA LYS C 42 -6.28 -1.50 -16.95
C LYS C 42 -6.88 -2.16 -18.21
N ARG C 43 -6.49 -1.68 -19.41
CA ARG C 43 -7.06 -2.18 -20.66
C ARG C 43 -6.15 -2.00 -21.87
N THR D 6 -5.42 25.81 22.71
CA THR D 6 -5.37 27.04 21.92
C THR D 6 -5.52 28.31 22.79
N THR D 7 -4.70 29.36 22.56
CA THR D 7 -3.67 29.47 21.52
C THR D 7 -2.32 28.82 21.90
N PHE D 8 -2.15 27.59 21.41
CA PHE D 8 -0.98 26.72 21.49
C PHE D 8 -0.67 26.36 20.03
N LYS D 9 0.60 26.46 19.63
CA LYS D 9 1.01 26.12 18.27
C LYS D 9 1.07 24.60 18.12
N ARG D 10 0.01 24.02 17.53
CA ARG D 10 -0.14 22.56 17.40
C ARG D 10 0.01 22.01 16.00
N ILE D 11 0.79 20.93 15.87
CA ILE D 11 0.97 20.16 14.63
C ILE D 11 0.41 18.76 14.92
N PHE D 12 -0.74 18.43 14.33
CA PHE D 12 -1.40 17.15 14.59
C PHE D 12 -0.80 16.00 13.80
N LEU D 13 -0.24 15.02 14.52
CA LEU D 13 0.35 13.83 13.88
C LEU D 13 -0.72 12.78 13.61
N LYS D 14 -0.61 12.12 12.45
CA LYS D 14 -1.55 11.09 12.00
C LYS D 14 -0.80 9.80 11.74
N ARG D 15 -1.41 8.67 12.12
CA ARG D 15 -0.79 7.35 11.93
C ARG D 15 -0.84 6.90 10.48
N MET D 16 0.20 6.16 10.07
CA MET D 16 0.38 5.59 8.73
C MET D 16 1.16 4.26 8.85
N PRO D 17 1.08 3.32 7.87
CA PRO D 17 1.88 2.10 8.00
C PRO D 17 3.37 2.37 7.76
N SER D 18 4.24 1.71 8.52
CA SER D 18 5.69 1.84 8.33
C SER D 18 6.08 0.99 7.12
N ILE D 19 7.29 1.20 6.58
CA ILE D 19 7.75 0.41 5.43
C ILE D 19 7.96 -1.04 5.87
N ARG D 20 8.45 -1.24 7.12
CA ARG D 20 8.62 -2.56 7.75
C ARG D 20 7.27 -3.29 7.87
N GLU D 21 6.15 -2.54 7.90
CA GLU D 21 4.81 -3.11 7.96
C GLU D 21 4.32 -3.47 6.56
N SER D 22 4.33 -2.48 5.62
CA SER D 22 3.91 -2.65 4.22
C SER D 22 4.62 -3.85 3.58
N LEU D 23 5.97 -3.88 3.61
CA LEU D 23 6.74 -5.05 3.17
C LEU D 23 6.66 -5.93 4.41
N LYS D 24 6.01 -7.09 4.31
CA LYS D 24 5.73 -8.04 5.40
C LYS D 24 4.34 -8.55 5.12
N GLU D 25 3.42 -7.61 4.82
CA GLU D 25 2.06 -7.89 4.39
C GLU D 25 2.21 -8.39 2.94
N ARG D 26 3.31 -7.99 2.28
CA ARG D 26 3.69 -8.38 0.93
C ARG D 26 4.78 -9.47 0.96
N GLY D 27 5.49 -9.56 2.09
CA GLY D 27 6.56 -10.53 2.35
C GLY D 27 7.74 -10.39 1.41
N VAL D 28 8.26 -9.15 1.27
CA VAL D 28 9.31 -8.75 0.33
C VAL D 28 10.66 -9.56 0.38
N ASP D 29 11.60 -9.40 1.36
CA ASP D 29 11.64 -8.52 2.54
C ASP D 29 13.12 -8.07 2.75
N MET D 30 13.63 -7.18 1.85
CA MET D 30 14.96 -6.54 1.79
C MET D 30 15.36 -6.03 0.41
C1 NAG E . 10.03 -22.22 -25.97
C2 NAG E . 11.05 -22.88 -26.95
C3 NAG E . 10.49 -22.80 -28.40
C4 NAG E . 9.04 -23.39 -28.52
C5 NAG E . 8.12 -22.86 -27.40
C6 NAG E . 6.81 -23.66 -27.34
C7 NAG E . 13.37 -22.84 -25.97
C8 NAG E . 14.67 -22.07 -26.03
N2 NAG E . 12.40 -22.33 -26.81
O3 NAG E . 11.40 -23.45 -29.31
O4 NAG E . 8.45 -23.07 -29.79
O5 NAG E . 8.77 -22.94 -26.09
O6 NAG E . 5.74 -22.85 -26.84
O7 NAG E . 13.23 -23.81 -25.22
#